data_6VXF
#
_entry.id   6VXF
#
_cell.length_a   1.00
_cell.length_b   1.00
_cell.length_c   1.00
_cell.angle_alpha   90.00
_cell.angle_beta   90.00
_cell.angle_gamma   90.00
#
_symmetry.space_group_name_H-M   'P 1'
#
_entity_poly.entity_id   1
_entity_poly.type   'polypeptide(L)'
_entity_poly.pdbx_seq_one_letter_code
;MSSSNVEVFIPVSQGNTNGFPATASNDLKAFTEGAVLSFHNICYRVKLKSGFLPCRKPVEKEILSNINGIMKPGLNAILG
PTGGGKSSLLDVLAARKDPSGLSGDVLINGAPRPANFKCNSGYVVQDDVVMGTLTVRENLQFSAALRLATTMTNHEKNER
INRVIQELGLDKVADSKVGTQFIRGVSGGERKRTSIGMELITDPSILFLDEPTTGLDSSTANAVLLLLKRMSKQGRTIIF
SIHQPRYSIFKLFDSLTLLASGRLMFHGPAQEALGYFESAGYHCEAYNNPADFFLDIINGDSTAVALNREEDFKATEIIE
PSKQDKPLIEKLAEIYVNSSFYKETKAELHQLSGGEKKKKITVFKEISYTTSFCHQLRWVSKRSFKNLLGNPQASIAQII
VTVVLGLVIGAIYFGLKNDSTGIQNRAGVLFFLTTNQCFSSVSAVELFVVEKKLFIHEYISGYYRVSSYFLGKLLSDLLP
MRMLPSIIFTCIVYFMLGLKPKADAFFVMMFTLMMVAYSASSMALAIAAGQSVVSVATLLMTICFVFMMIFSGLLVNLTT
IASWLSWLQYFSIPRYGFTALQHNEFLGQNFCPGLNATGNNPCNYATCTGEEYLVKQGIDLSPWGLWKNHVALACMIVIF
LTIAYLKLLFLKKYS
;
_entity_poly.pdbx_strand_id   B,A
#
# COMPACT_ATOMS: atom_id res chain seq x y z
N ALA A 35 -0.34 41.96 11.35
CA ALA A 35 0.35 41.01 10.48
C ALA A 35 -0.15 41.13 9.06
N VAL A 36 0.62 41.76 8.19
CA VAL A 36 0.20 42.06 6.83
C VAL A 36 1.21 41.39 5.90
N LEU A 37 0.82 40.24 5.36
CA LEU A 37 1.68 39.53 4.42
C LEU A 37 1.49 40.12 3.03
N SER A 38 2.59 40.42 2.36
CA SER A 38 2.54 41.06 1.06
C SER A 38 3.53 40.38 0.12
N PHE A 39 3.28 40.53 -1.18
CA PHE A 39 4.07 39.81 -2.16
C PHE A 39 3.97 40.55 -3.49
N HIS A 40 5.02 40.42 -4.31
CA HIS A 40 5.15 41.31 -5.46
C HIS A 40 5.93 40.59 -6.56
N ASN A 41 5.26 40.30 -7.67
CA ASN A 41 5.85 39.82 -8.92
C ASN A 41 6.57 38.48 -8.74
N ILE A 42 5.91 37.54 -8.07
CA ILE A 42 6.56 36.29 -7.67
C ILE A 42 6.41 35.32 -8.86
N CYS A 43 7.32 35.46 -9.82
CA CYS A 43 7.35 34.59 -10.99
C CYS A 43 8.10 33.32 -10.63
N TYR A 44 7.40 32.39 -9.96
CA TYR A 44 8.01 31.13 -9.56
C TYR A 44 8.16 30.21 -10.77
N ARG A 45 9.34 29.61 -10.92
CA ARG A 45 9.65 28.70 -12.01
C ARG A 45 10.40 27.49 -11.48
N VAL A 46 10.00 26.30 -11.94
CA VAL A 46 10.69 25.07 -11.60
C VAL A 46 11.21 24.38 -12.86
N LYS A 61 7.58 24.21 -15.84
CA LYS A 61 8.14 25.33 -16.60
C LYS A 61 7.28 26.58 -16.43
N GLU A 62 7.71 27.46 -15.51
CA GLU A 62 7.04 28.71 -15.15
C GLU A 62 5.60 28.45 -14.70
N ILE A 63 5.50 27.77 -13.55
CA ILE A 63 4.21 27.39 -13.01
C ILE A 63 3.46 28.56 -12.40
N LEU A 64 4.13 29.67 -12.09
CA LEU A 64 3.48 30.90 -11.65
C LEU A 64 3.98 32.06 -12.48
N SER A 65 3.08 32.95 -12.85
CA SER A 65 3.42 34.17 -13.56
C SER A 65 3.63 35.29 -12.55
N ASN A 66 3.67 36.53 -13.02
CA ASN A 66 3.82 37.65 -12.11
C ASN A 66 2.54 37.84 -11.30
N ILE A 67 2.70 37.98 -9.99
CA ILE A 67 1.61 37.85 -9.03
C ILE A 67 1.90 38.83 -7.88
N ASN A 68 0.92 39.64 -7.53
CA ASN A 68 1.08 40.53 -6.39
C ASN A 68 -0.26 40.74 -5.70
N GLY A 69 -0.18 41.07 -4.42
CA GLY A 69 -1.36 41.23 -3.59
C GLY A 69 -0.96 41.45 -2.16
N ILE A 70 -1.96 41.76 -1.34
CA ILE A 70 -1.75 42.08 0.07
C ILE A 70 -2.72 41.24 0.89
N MET A 71 -2.18 40.46 1.82
CA MET A 71 -2.97 39.60 2.69
C MET A 71 -3.30 40.37 3.96
N LYS A 72 -4.46 41.00 3.98
CA LYS A 72 -4.91 41.78 5.13
C LYS A 72 -5.21 40.86 6.31
N PRO A 73 -5.09 41.36 7.55
CA PRO A 73 -5.30 40.50 8.72
C PRO A 73 -6.74 40.07 8.93
N GLY A 74 -7.21 39.14 8.10
CA GLY A 74 -8.56 38.65 8.20
C GLY A 74 -8.67 37.16 7.95
N LEU A 75 -9.51 36.80 6.98
CA LEU A 75 -9.74 35.42 6.57
C LEU A 75 -9.49 35.31 5.07
N ASN A 76 -8.29 35.71 4.65
CA ASN A 76 -7.89 35.70 3.25
C ASN A 76 -7.97 34.30 2.65
N ALA A 77 -8.50 34.21 1.44
CA ALA A 77 -8.65 32.93 0.75
C ALA A 77 -7.92 32.95 -0.57
N ILE A 78 -7.68 31.77 -1.12
CA ILE A 78 -7.03 31.61 -2.41
C ILE A 78 -7.82 30.57 -3.19
N LEU A 79 -8.39 30.97 -4.31
CA LEU A 79 -9.27 30.07 -5.06
C LEU A 79 -8.71 29.78 -6.44
N GLY A 80 -9.36 28.84 -7.12
CA GLY A 80 -9.04 28.52 -8.48
C GLY A 80 -9.12 27.04 -8.78
N PRO A 81 -8.78 26.65 -10.00
CA PRO A 81 -8.69 25.23 -10.31
C PRO A 81 -7.46 24.61 -9.69
N THR A 82 -7.46 23.27 -9.64
CA THR A 82 -6.44 22.53 -8.91
C THR A 82 -5.08 22.65 -9.58
N GLY A 83 -5.03 22.55 -10.90
CA GLY A 83 -3.77 22.63 -11.61
C GLY A 83 -3.13 24.01 -11.65
N GLY A 84 -3.84 25.03 -11.19
CA GLY A 84 -3.31 26.38 -11.17
C GLY A 84 -2.38 26.60 -10.00
N GLY A 85 -2.21 27.86 -9.65
CA GLY A 85 -1.33 28.21 -8.55
C GLY A 85 -2.04 28.28 -7.21
N LYS A 86 -3.18 27.61 -7.09
CA LYS A 86 -3.95 27.63 -5.85
C LYS A 86 -3.18 26.98 -4.71
N SER A 87 -2.50 25.88 -4.99
CA SER A 87 -1.69 25.20 -4.00
C SER A 87 -0.22 25.58 -4.05
N SER A 88 0.22 26.25 -5.12
CA SER A 88 1.62 26.62 -5.23
C SER A 88 1.88 28.01 -4.65
N LEU A 89 0.95 28.95 -4.81
CA LEU A 89 1.12 30.26 -4.20
C LEU A 89 1.08 30.17 -2.69
N LEU A 90 0.35 29.21 -2.14
CA LEU A 90 0.31 29.02 -0.70
C LEU A 90 1.64 28.51 -0.18
N ASP A 91 2.26 27.58 -0.90
CA ASP A 91 3.59 27.13 -0.52
C ASP A 91 4.64 28.20 -0.74
N VAL A 92 4.45 29.10 -1.70
CA VAL A 92 5.35 30.23 -1.88
C VAL A 92 5.16 31.24 -0.74
N LEU A 93 3.93 31.39 -0.26
CA LEU A 93 3.65 32.36 0.79
C LEU A 93 4.11 31.85 2.14
N ALA A 94 4.04 30.55 2.37
CA ALA A 94 4.78 29.93 3.47
C ALA A 94 6.20 29.67 2.97
N ALA A 95 7.01 28.92 3.69
CA ALA A 95 8.28 28.59 3.07
C ALA A 95 8.10 27.45 2.07
N ARG A 96 7.80 26.25 2.57
CA ARG A 96 7.17 25.09 1.92
C ARG A 96 7.49 24.82 0.45
N LYS A 97 8.64 25.29 -0.03
CA LYS A 97 8.89 25.39 -1.46
C LYS A 97 10.33 25.85 -1.64
N ASP A 98 10.98 25.40 -2.72
CA ASP A 98 12.37 25.72 -3.03
C ASP A 98 12.54 27.22 -3.24
N PRO A 99 13.24 27.90 -2.33
CA PRO A 99 13.35 29.36 -2.43
C PRO A 99 14.28 29.85 -3.52
N SER A 100 14.89 28.95 -4.29
CA SER A 100 15.78 29.36 -5.36
C SER A 100 15.00 29.97 -6.51
N GLY A 101 13.96 29.28 -6.97
CA GLY A 101 13.24 29.71 -8.15
C GLY A 101 12.11 30.68 -7.88
N LEU A 102 12.26 31.50 -6.84
CA LEU A 102 11.18 32.39 -6.42
C LEU A 102 11.02 33.55 -7.39
N SER A 103 12.07 34.36 -7.52
CA SER A 103 12.10 35.59 -8.32
C SER A 103 10.99 36.55 -7.91
N GLY A 104 10.86 36.76 -6.61
CA GLY A 104 9.89 37.71 -6.12
C GLY A 104 10.22 38.25 -4.75
N ASP A 105 9.29 39.00 -4.14
CA ASP A 105 9.55 39.69 -2.88
C ASP A 105 8.36 39.45 -1.95
N VAL A 106 8.45 38.45 -1.10
CA VAL A 106 7.41 38.21 -0.10
C VAL A 106 7.80 38.96 1.16
N LEU A 107 6.84 39.63 1.79
CA LEU A 107 7.14 40.69 2.74
C LEU A 107 6.08 40.75 3.81
N ILE A 108 6.49 40.85 5.08
CA ILE A 108 5.58 40.87 6.22
C ILE A 108 5.75 42.17 6.97
N ASN A 109 4.66 42.95 7.04
CA ASN A 109 4.56 44.18 7.84
C ASN A 109 5.61 45.22 7.45
N GLY A 110 5.91 45.30 6.17
CA GLY A 110 6.93 46.22 5.69
C GLY A 110 8.29 45.58 5.54
N ALA A 111 8.69 44.77 6.50
CA ALA A 111 10.00 44.14 6.44
C ALA A 111 9.93 42.87 5.59
N PRO A 112 11.03 42.50 4.95
CA PRO A 112 11.06 41.23 4.22
C PRO A 112 11.01 40.04 5.17
N ARG A 113 10.72 38.90 4.59
CA ARG A 113 10.39 37.70 5.36
C ARG A 113 11.65 37.10 5.97
N PRO A 114 11.66 36.83 7.28
CA PRO A 114 12.86 36.26 7.91
C PRO A 114 13.02 34.79 7.54
N ALA A 115 14.21 34.27 7.80
CA ALA A 115 14.40 32.83 7.70
C ALA A 115 13.74 32.13 8.87
N ASN A 116 13.60 32.82 10.00
CA ASN A 116 12.81 32.34 11.13
C ASN A 116 11.35 32.70 10.88
N PHE A 117 10.77 32.01 9.90
CA PHE A 117 9.38 32.27 9.52
C PHE A 117 8.49 31.06 9.72
N LYS A 118 8.98 29.85 9.45
CA LYS A 118 8.16 28.68 9.72
C LYS A 118 8.03 28.38 11.20
N CYS A 119 8.96 28.87 12.02
CA CYS A 119 8.80 28.69 13.45
C CYS A 119 7.79 29.66 14.05
N ASN A 120 7.52 30.78 13.38
CA ASN A 120 6.56 31.75 13.89
C ASN A 120 5.23 31.72 13.15
N SER A 121 5.16 31.06 12.02
CA SER A 121 3.92 30.90 11.28
C SER A 121 3.29 29.58 11.67
N GLY A 122 2.27 29.18 10.95
CA GLY A 122 1.70 27.86 11.17
C GLY A 122 1.07 27.34 9.91
N TYR A 123 1.44 26.14 9.49
CA TYR A 123 0.98 25.58 8.23
C TYR A 123 0.21 24.31 8.51
N VAL A 124 -1.11 24.38 8.43
CA VAL A 124 -1.94 23.20 8.66
C VAL A 124 -2.07 22.49 7.32
N VAL A 125 -1.27 21.45 7.13
CA VAL A 125 -1.19 20.77 5.84
C VAL A 125 -2.48 19.98 5.58
N GLN A 126 -2.67 19.59 4.32
CA GLN A 126 -3.96 19.09 3.87
C GLN A 126 -4.26 17.70 4.41
N ASP A 127 -3.47 16.72 3.99
CA ASP A 127 -3.57 15.38 4.55
C ASP A 127 -3.17 15.43 6.01
N ASP A 128 -4.09 15.01 6.87
CA ASP A 128 -3.88 15.12 8.30
C ASP A 128 -2.72 14.26 8.75
N VAL A 129 -1.66 14.91 9.23
CA VAL A 129 -0.47 14.21 9.67
C VAL A 129 -0.47 13.93 11.15
N VAL A 130 -1.55 14.27 11.86
CA VAL A 130 -1.60 14.10 13.30
C VAL A 130 -1.60 12.61 13.64
N MET A 131 -1.06 12.28 14.80
CA MET A 131 -0.84 10.88 15.16
C MET A 131 -2.17 10.24 15.54
N GLY A 132 -2.51 9.16 14.84
CA GLY A 132 -3.77 8.50 15.06
C GLY A 132 -3.72 7.41 16.10
N THR A 133 -2.70 7.47 16.97
CA THR A 133 -2.59 6.56 18.09
C THR A 133 -2.49 7.27 19.42
N LEU A 134 -2.33 8.58 19.41
CA LEU A 134 -2.25 9.38 20.62
C LEU A 134 -3.58 10.08 20.83
N THR A 135 -3.78 10.61 22.04
CA THR A 135 -4.98 11.39 22.26
C THR A 135 -4.76 12.82 21.82
N VAL A 136 -5.82 13.62 21.91
CA VAL A 136 -5.76 15.03 21.51
C VAL A 136 -4.82 15.80 22.42
N ARG A 137 -4.93 15.57 23.73
CA ARG A 137 -4.13 16.32 24.68
C ARG A 137 -2.68 15.92 24.62
N GLU A 138 -2.37 14.68 24.29
CA GLU A 138 -0.96 14.31 24.17
C GLU A 138 -0.45 14.43 22.74
N ASN A 139 -1.26 14.86 21.79
CA ASN A 139 -0.70 15.51 20.60
C ASN A 139 -0.28 16.93 20.92
N LEU A 140 -1.16 17.67 21.58
CA LEU A 140 -0.86 19.07 21.86
C LEU A 140 0.23 19.22 22.91
N GLN A 141 0.37 18.27 23.82
CA GLN A 141 1.48 18.30 24.78
C GLN A 141 2.80 18.08 24.07
N PHE A 142 2.81 17.21 23.07
CA PHE A 142 4.01 16.99 22.27
C PHE A 142 4.40 18.24 21.51
N SER A 143 3.43 18.83 20.81
CA SER A 143 3.75 20.04 20.05
C SER A 143 4.09 21.21 20.94
N ALA A 144 3.52 21.25 22.15
CA ALA A 144 3.89 22.29 23.11
C ALA A 144 5.32 22.11 23.57
N ALA A 145 5.69 20.88 23.92
CA ALA A 145 7.02 20.61 24.44
C ALA A 145 8.10 20.81 23.39
N LEU A 146 7.77 20.68 22.10
CA LEU A 146 8.78 20.90 21.08
C LEU A 146 8.69 22.23 20.36
N ARG A 147 7.63 23.01 20.54
CA ARG A 147 7.57 24.32 19.92
C ARG A 147 7.71 25.46 20.91
N LEU A 148 7.07 25.36 22.07
CA LEU A 148 7.29 26.34 23.11
C LEU A 148 8.67 26.12 23.72
N ALA A 149 9.26 27.21 24.20
CA ALA A 149 10.62 27.13 24.70
C ALA A 149 10.68 26.41 26.04
N THR A 150 11.82 25.83 26.34
CA THR A 150 12.04 25.13 27.59
C THR A 150 12.21 26.08 28.77
N THR A 151 12.35 27.38 28.52
CA THR A 151 12.49 28.34 29.60
C THR A 151 11.22 28.48 30.42
N MET A 152 10.06 28.30 29.78
CA MET A 152 8.80 28.37 30.52
C MET A 152 8.52 27.04 31.18
N THR A 153 7.44 26.98 31.94
CA THR A 153 7.16 25.84 32.79
C THR A 153 6.03 24.98 32.26
N ASN A 154 5.95 23.76 32.79
CA ASN A 154 4.91 22.81 32.43
C ASN A 154 3.54 23.29 32.86
N HIS A 155 3.48 24.06 33.95
CA HIS A 155 2.23 24.63 34.44
C HIS A 155 1.64 25.61 33.43
N GLU A 156 2.47 26.55 32.96
CA GLU A 156 2.04 27.50 31.94
C GLU A 156 1.77 26.81 30.62
N LYS A 157 2.56 25.78 30.28
CA LYS A 157 2.35 25.06 29.04
C LYS A 157 1.02 24.32 29.04
N ASN A 158 0.66 23.70 30.16
CA ASN A 158 -0.64 23.01 30.21
C ASN A 158 -1.79 24.01 30.26
N GLU A 159 -1.57 25.20 30.81
CA GLU A 159 -2.58 26.24 30.67
C GLU A 159 -2.76 26.66 29.22
N ARG A 160 -1.66 26.71 28.46
CA ARG A 160 -1.78 27.00 27.02
C ARG A 160 -2.53 25.89 26.29
N ILE A 161 -2.28 24.64 26.66
CA ILE A 161 -2.96 23.52 26.01
C ILE A 161 -4.45 23.53 26.28
N ASN A 162 -4.86 23.64 27.55
CA ASN A 162 -6.30 23.65 27.77
C ASN A 162 -6.96 24.94 27.35
N ARG A 163 -6.19 26.04 27.22
CA ARG A 163 -6.73 27.24 26.59
C ARG A 163 -7.05 26.99 25.14
N VAL A 164 -6.15 26.33 24.40
CA VAL A 164 -6.41 25.98 23.01
C VAL A 164 -7.53 24.95 22.89
N ILE A 165 -7.66 24.05 23.87
CA ILE A 165 -8.71 23.04 23.83
C ILE A 165 -10.09 23.68 24.03
N GLN A 166 -10.21 24.53 25.06
CA GLN A 166 -11.47 25.22 25.29
C GLN A 166 -11.77 26.24 24.19
N GLU A 167 -10.75 26.77 23.52
CA GLU A 167 -10.99 27.66 22.39
C GLU A 167 -11.54 26.90 21.19
N LEU A 168 -10.86 25.85 20.78
CA LEU A 168 -11.28 25.13 19.59
C LEU A 168 -12.47 24.21 19.84
N GLY A 169 -12.88 24.02 21.08
CA GLY A 169 -14.05 23.21 21.34
C GLY A 169 -13.76 21.74 21.17
N LEU A 170 -12.72 21.27 21.85
CA LEU A 170 -12.31 19.88 21.76
C LEU A 170 -12.48 19.14 23.08
N ASP A 171 -13.19 19.73 24.05
CA ASP A 171 -13.09 19.26 25.44
C ASP A 171 -13.77 17.91 25.63
N LYS A 172 -14.85 17.64 24.91
CA LYS A 172 -15.50 16.35 25.04
C LYS A 172 -14.76 15.23 24.32
N VAL A 173 -13.75 15.57 23.51
CA VAL A 173 -12.90 14.57 22.88
C VAL A 173 -11.45 14.91 23.18
N ALA A 174 -11.19 15.59 24.29
CA ALA A 174 -9.83 16.01 24.65
C ALA A 174 -9.00 14.89 25.24
N ASP A 175 -9.55 13.70 25.40
CA ASP A 175 -8.79 12.55 25.84
C ASP A 175 -9.12 11.30 25.04
N SER A 176 -9.91 11.42 23.99
CA SER A 176 -10.10 10.26 23.13
C SER A 176 -8.94 10.14 22.17
N LYS A 177 -8.71 8.92 21.70
CA LYS A 177 -7.65 8.68 20.74
C LYS A 177 -8.04 9.30 19.41
N VAL A 178 -7.14 10.09 18.82
CA VAL A 178 -7.38 10.57 17.47
C VAL A 178 -7.34 9.38 16.53
N GLY A 179 -8.19 9.39 15.52
CA GLY A 179 -8.15 8.33 14.55
C GLY A 179 -7.69 8.85 13.21
N THR A 180 -7.37 7.95 12.29
CA THR A 180 -6.97 8.28 10.94
C THR A 180 -7.73 7.42 9.94
N GLN A 181 -9.00 7.14 10.26
CA GLN A 181 -9.77 6.00 9.74
C GLN A 181 -8.99 4.69 9.89
N PHE A 182 -8.32 4.55 11.02
CA PHE A 182 -7.60 3.35 11.43
C PHE A 182 -8.15 2.76 12.72
N ILE A 183 -8.17 3.54 13.79
CA ILE A 183 -8.84 3.18 15.04
C ILE A 183 -9.70 4.37 15.43
N ARG A 184 -11.02 4.17 15.49
CA ARG A 184 -11.97 5.28 15.52
C ARG A 184 -12.16 5.76 16.95
N GLY A 185 -11.67 6.98 17.23
CA GLY A 185 -11.97 7.63 18.48
C GLY A 185 -12.53 9.04 18.33
N VAL A 186 -12.21 9.71 17.23
CA VAL A 186 -12.75 11.05 16.97
C VAL A 186 -13.45 11.06 15.63
N SER A 187 -13.98 12.20 15.26
CA SER A 187 -14.59 12.40 13.95
C SER A 187 -13.51 12.75 12.93
N GLY A 188 -13.91 13.21 11.77
CA GLY A 188 -12.95 13.79 10.86
C GLY A 188 -12.76 15.26 11.19
N GLY A 189 -13.84 15.91 11.60
CA GLY A 189 -13.79 17.33 11.88
C GLY A 189 -12.99 17.64 13.12
N GLU A 190 -13.12 16.81 14.16
CA GLU A 190 -12.30 17.01 15.35
C GLU A 190 -10.85 16.60 15.11
N ARG A 191 -10.61 15.72 14.14
CA ARG A 191 -9.25 15.43 13.73
C ARG A 191 -8.61 16.63 13.05
N LYS A 192 -9.35 17.28 12.15
CA LYS A 192 -8.89 18.54 11.57
C LYS A 192 -8.73 19.64 12.60
N ARG A 193 -9.59 19.64 13.62
CA ARG A 193 -9.44 20.59 14.71
C ARG A 193 -8.17 20.33 15.50
N THR A 194 -7.78 19.07 15.64
CA THR A 194 -6.49 18.79 16.29
C THR A 194 -5.32 19.23 15.43
N SER A 195 -5.44 19.07 14.11
CA SER A 195 -4.37 19.53 13.22
C SER A 195 -4.25 21.05 13.24
N ILE A 196 -5.37 21.75 13.43
CA ILE A 196 -5.32 23.20 13.58
C ILE A 196 -4.75 23.56 14.94
N GLY A 197 -5.13 22.81 15.97
CA GLY A 197 -4.70 23.11 17.32
C GLY A 197 -3.24 22.86 17.57
N MET A 198 -2.62 21.95 16.81
CA MET A 198 -1.19 21.74 16.94
C MET A 198 -0.41 22.97 16.51
N GLU A 199 -0.81 23.59 15.41
CA GLU A 199 -0.16 24.83 14.95
C GLU A 199 -0.85 26.07 15.47
N LEU A 200 -1.13 26.06 16.76
CA LEU A 200 -1.60 27.24 17.47
C LEU A 200 -0.91 27.39 18.80
N ILE A 201 -0.13 26.41 19.21
CA ILE A 201 0.49 26.42 20.52
C ILE A 201 1.60 27.45 20.56
N THR A 202 2.28 27.64 19.42
CA THR A 202 3.35 28.61 19.29
C THR A 202 2.87 30.04 19.19
N ASP A 203 1.56 30.26 19.25
CA ASP A 203 0.86 31.53 19.10
C ASP A 203 1.26 32.21 17.80
N PRO A 204 0.90 31.65 16.65
CA PRO A 204 1.38 32.24 15.40
C PRO A 204 0.57 33.48 15.05
N SER A 205 1.29 34.53 14.68
CA SER A 205 0.58 35.74 14.28
C SER A 205 0.07 35.66 12.85
N ILE A 206 0.41 34.61 12.12
CA ILE A 206 -0.05 34.44 10.76
C ILE A 206 -0.17 32.96 10.47
N LEU A 207 -1.37 32.51 10.12
CA LEU A 207 -1.70 31.09 10.09
C LEU A 207 -2.06 30.68 8.68
N PHE A 208 -1.45 29.60 8.21
CA PHE A 208 -1.70 29.08 6.87
C PHE A 208 -2.41 27.75 6.99
N LEU A 209 -3.45 27.57 6.22
CA LEU A 209 -4.07 26.27 6.08
C LEU A 209 -3.70 25.75 4.71
N ASP A 210 -4.24 24.60 4.34
CA ASP A 210 -4.08 24.11 2.97
C ASP A 210 -5.25 23.20 2.69
N GLU A 211 -6.30 23.77 2.07
CA GLU A 211 -7.58 23.12 1.80
C GLU A 211 -8.16 22.48 3.07
N PRO A 212 -8.67 23.26 3.99
CA PRO A 212 -9.15 22.69 5.26
C PRO A 212 -10.56 22.15 5.17
N THR A 213 -11.06 21.91 3.97
CA THR A 213 -12.41 21.40 3.78
C THR A 213 -12.47 20.05 3.10
N THR A 214 -11.48 19.69 2.29
CA THR A 214 -11.60 18.54 1.41
C THR A 214 -11.56 17.24 2.20
N GLY A 215 -12.41 16.30 1.80
CA GLY A 215 -12.57 15.06 2.52
C GLY A 215 -13.50 15.13 3.71
N LEU A 216 -14.18 16.24 3.91
CA LEU A 216 -15.07 16.42 5.05
C LEU A 216 -16.52 16.50 4.61
N ASP A 217 -17.41 16.30 5.57
CA ASP A 217 -18.82 16.59 5.42
C ASP A 217 -19.00 18.10 5.32
N SER A 218 -20.08 18.52 4.67
CA SER A 218 -20.33 19.96 4.52
C SER A 218 -20.69 20.62 5.84
N SER A 219 -21.31 19.87 6.76
CA SER A 219 -21.59 20.38 8.09
C SER A 219 -20.31 20.63 8.87
N THR A 220 -19.38 19.67 8.83
CA THR A 220 -18.09 19.85 9.47
C THR A 220 -17.26 20.93 8.79
N ALA A 221 -17.39 21.07 7.47
CA ALA A 221 -16.63 22.10 6.76
C ALA A 221 -17.14 23.48 7.09
N ASN A 222 -18.46 23.64 7.18
CA ASN A 222 -19.02 24.92 7.60
C ASN A 222 -18.67 25.22 9.05
N ALA A 223 -18.63 24.18 9.90
CA ALA A 223 -18.27 24.40 11.30
C ALA A 223 -16.79 24.75 11.45
N VAL A 224 -15.92 24.16 10.65
CA VAL A 224 -14.50 24.49 10.79
C VAL A 224 -14.19 25.86 10.17
N LEU A 225 -14.92 26.28 9.13
CA LEU A 225 -14.70 27.64 8.66
C LEU A 225 -15.31 28.69 9.58
N LEU A 226 -16.41 28.35 10.26
CA LEU A 226 -16.87 29.21 11.33
C LEU A 226 -15.90 29.24 12.50
N LEU A 227 -15.17 28.14 12.73
CA LEU A 227 -14.12 28.14 13.74
C LEU A 227 -12.98 29.06 13.35
N LEU A 228 -12.64 29.09 12.06
CA LEU A 228 -11.59 30.00 11.60
C LEU A 228 -12.01 31.45 11.70
N LYS A 229 -13.27 31.76 11.40
CA LYS A 229 -13.74 33.13 11.60
C LYS A 229 -13.84 33.49 13.07
N ARG A 230 -14.11 32.52 13.94
CA ARG A 230 -14.10 32.80 15.36
C ARG A 230 -12.69 33.10 15.85
N MET A 231 -11.72 32.30 15.44
CA MET A 231 -10.35 32.53 15.87
C MET A 231 -9.65 33.64 15.11
N SER A 232 -10.25 34.15 14.04
CA SER A 232 -9.68 35.26 13.29
C SER A 232 -10.00 36.62 13.90
N LYS A 233 -10.87 36.66 14.91
CA LYS A 233 -11.28 37.92 15.52
C LYS A 233 -10.29 38.44 16.54
N GLN A 234 -9.19 37.72 16.76
CA GLN A 234 -8.09 38.21 17.59
C GLN A 234 -7.00 38.85 16.76
N GLY A 235 -7.27 39.16 15.51
CA GLY A 235 -6.26 39.68 14.61
C GLY A 235 -5.38 38.64 13.96
N ARG A 236 -5.55 37.37 14.30
CA ARG A 236 -4.75 36.29 13.73
C ARG A 236 -5.13 36.10 12.28
N THR A 237 -4.28 36.57 11.36
CA THR A 237 -4.57 36.42 9.95
C THR A 237 -4.48 34.97 9.51
N ILE A 238 -5.45 34.55 8.72
CA ILE A 238 -5.56 33.18 8.25
C ILE A 238 -5.59 33.19 6.73
N ILE A 239 -4.72 32.39 6.12
CA ILE A 239 -4.56 32.35 4.67
C ILE A 239 -4.72 30.91 4.24
N PHE A 240 -5.66 30.65 3.33
CA PHE A 240 -5.87 29.27 2.92
C PHE A 240 -6.25 29.18 1.45
N SER A 241 -6.05 28.00 0.90
CA SER A 241 -6.63 27.60 -0.36
C SER A 241 -7.89 26.78 -0.08
N ILE A 242 -8.81 26.76 -1.03
CA ILE A 242 -10.02 25.95 -0.93
C ILE A 242 -10.28 25.29 -2.28
N HIS A 243 -10.56 23.99 -2.28
CA HIS A 243 -11.10 23.30 -3.44
C HIS A 243 -12.62 23.34 -3.38
N GLN A 244 -13.25 23.78 -4.49
CA GLN A 244 -14.68 23.92 -4.77
C GLN A 244 -15.51 24.46 -3.61
N PRO A 245 -15.41 25.73 -3.26
CA PRO A 245 -16.25 26.25 -2.17
C PRO A 245 -17.69 26.45 -2.61
N ARG A 246 -18.56 26.80 -1.68
CA ARG A 246 -19.95 27.09 -2.01
C ARG A 246 -20.31 28.47 -1.48
N TYR A 247 -21.50 28.93 -1.85
CA TYR A 247 -21.93 30.27 -1.45
C TYR A 247 -22.29 30.37 0.02
N SER A 248 -22.41 29.24 0.73
CA SER A 248 -22.52 29.30 2.18
C SER A 248 -21.25 29.84 2.79
N ILE A 249 -20.12 29.20 2.49
CA ILE A 249 -18.81 29.70 2.91
C ILE A 249 -18.29 30.58 1.79
N PHE A 250 -18.86 31.79 1.71
CA PHE A 250 -18.26 32.84 0.90
C PHE A 250 -18.33 34.22 1.55
N LYS A 251 -19.28 34.47 2.45
CA LYS A 251 -19.34 35.73 3.18
C LYS A 251 -18.28 35.83 4.26
N LEU A 252 -17.63 34.70 4.57
CA LEU A 252 -16.65 34.65 5.64
C LEU A 252 -15.37 35.37 5.26
N PHE A 253 -15.05 35.44 3.97
CA PHE A 253 -13.71 35.82 3.51
C PHE A 253 -13.52 37.33 3.62
N ASP A 254 -12.44 37.72 4.29
CA ASP A 254 -12.12 39.14 4.38
C ASP A 254 -11.60 39.67 3.05
N SER A 255 -10.60 38.99 2.47
CA SER A 255 -10.16 39.27 1.12
C SER A 255 -10.15 37.96 0.36
N LEU A 256 -9.86 38.03 -0.93
CA LEU A 256 -9.97 36.84 -1.76
C LEU A 256 -9.03 36.95 -2.94
N THR A 257 -8.21 35.93 -3.13
CA THR A 257 -7.33 35.82 -4.29
C THR A 257 -7.84 34.70 -5.17
N LEU A 258 -7.52 34.75 -6.46
CA LEU A 258 -7.99 33.72 -7.38
C LEU A 258 -6.96 33.52 -8.47
N LEU A 259 -6.38 32.33 -8.54
CA LEU A 259 -5.38 32.01 -9.54
C LEU A 259 -5.92 30.98 -10.53
N ALA A 260 -5.44 31.06 -11.75
CA ALA A 260 -5.82 30.08 -12.78
C ALA A 260 -4.62 29.87 -13.69
N SER A 261 -4.09 28.64 -13.67
CA SER A 261 -3.03 28.16 -14.57
C SER A 261 -1.75 28.98 -14.46
N GLY A 262 -1.52 29.58 -13.30
CA GLY A 262 -0.34 30.38 -13.05
C GLY A 262 -0.57 31.86 -13.11
N ARG A 263 -1.64 32.31 -13.74
CA ARG A 263 -1.95 33.73 -13.82
C ARG A 263 -2.83 34.14 -12.65
N LEU A 264 -2.76 35.42 -12.30
CA LEU A 264 -3.63 35.98 -11.28
C LEU A 264 -4.87 36.53 -11.96
N MET A 265 -6.04 36.05 -11.55
CA MET A 265 -7.30 36.52 -12.10
C MET A 265 -7.96 37.60 -11.26
N PHE A 266 -7.88 37.51 -9.94
CA PHE A 266 -8.47 38.53 -9.08
C PHE A 266 -7.83 38.47 -7.71
N HIS A 267 -7.61 39.65 -7.12
CA HIS A 267 -7.22 39.74 -5.71
C HIS A 267 -7.86 40.98 -5.11
N GLY A 268 -8.91 40.77 -4.32
CA GLY A 268 -9.59 41.82 -3.61
C GLY A 268 -10.62 41.24 -2.68
N PRO A 269 -11.35 42.08 -1.96
CA PRO A 269 -12.37 41.58 -1.04
C PRO A 269 -13.54 40.93 -1.74
N ALA A 270 -14.20 40.04 -1.00
CA ALA A 270 -15.26 39.21 -1.55
C ALA A 270 -16.53 39.99 -1.86
N GLN A 271 -16.69 41.18 -1.29
CA GLN A 271 -17.88 41.99 -1.53
C GLN A 271 -17.88 42.63 -2.91
N GLU A 272 -16.72 42.73 -3.55
CA GLU A 272 -16.64 43.16 -4.93
C GLU A 272 -15.94 42.13 -5.80
N ALA A 273 -15.69 40.93 -5.26
CA ALA A 273 -15.26 39.81 -6.08
C ALA A 273 -16.27 39.48 -7.18
N LEU A 274 -17.57 39.58 -6.88
CA LEU A 274 -18.57 39.43 -7.92
C LEU A 274 -18.67 40.67 -8.79
N GLY A 275 -18.46 41.85 -8.21
CA GLY A 275 -18.61 43.09 -8.94
C GLY A 275 -17.54 43.32 -9.97
N TYR A 276 -16.37 42.71 -9.79
CA TYR A 276 -15.34 42.77 -10.81
C TYR A 276 -15.79 42.07 -12.09
N PHE A 277 -16.25 40.82 -11.96
CA PHE A 277 -16.71 40.08 -13.13
C PHE A 277 -18.04 40.60 -13.65
N GLU A 278 -18.83 41.27 -12.80
CA GLU A 278 -20.01 41.97 -13.28
C GLU A 278 -19.67 43.31 -13.93
N SER A 279 -18.44 43.78 -13.77
CA SER A 279 -17.94 44.91 -14.53
C SER A 279 -17.28 44.50 -15.84
N ALA A 280 -16.87 43.24 -15.96
CA ALA A 280 -16.15 42.75 -17.12
C ALA A 280 -17.07 42.21 -18.20
N GLY A 281 -18.38 42.43 -18.10
CA GLY A 281 -19.32 42.06 -19.13
C GLY A 281 -20.05 40.76 -18.88
N TYR A 282 -19.61 39.96 -17.92
CA TYR A 282 -20.30 38.72 -17.60
C TYR A 282 -21.51 39.01 -16.72
N HIS A 283 -22.46 38.08 -16.73
CA HIS A 283 -23.66 38.18 -15.91
C HIS A 283 -23.76 36.96 -15.01
N CYS A 284 -23.88 37.21 -13.71
CA CYS A 284 -24.18 36.13 -12.77
C CYS A 284 -25.64 35.70 -12.94
N GLU A 285 -25.83 34.43 -13.30
CA GLU A 285 -27.15 33.93 -13.61
C GLU A 285 -27.98 33.76 -12.34
N ALA A 286 -29.29 33.61 -12.54
CA ALA A 286 -30.22 33.56 -11.42
C ALA A 286 -30.11 32.24 -10.67
N TYR A 287 -29.96 32.35 -9.35
CA TYR A 287 -29.76 31.23 -8.43
C TYR A 287 -28.56 30.38 -8.82
N ASN A 288 -27.45 31.03 -9.12
CA ASN A 288 -26.23 30.38 -9.57
C ASN A 288 -25.13 30.65 -8.55
N ASN A 289 -24.29 29.65 -8.30
CA ASN A 289 -23.23 29.78 -7.30
C ASN A 289 -22.15 30.72 -7.83
N PRO A 290 -21.79 31.78 -7.10
CA PRO A 290 -20.75 32.68 -7.61
C PRO A 290 -19.36 32.09 -7.54
N ALA A 291 -19.07 31.31 -6.51
CA ALA A 291 -17.73 30.72 -6.40
C ALA A 291 -17.52 29.65 -7.46
N ASP A 292 -18.57 28.90 -7.78
CA ASP A 292 -18.50 27.97 -8.90
C ASP A 292 -18.51 28.71 -10.22
N PHE A 293 -19.19 29.86 -10.28
CA PHE A 293 -19.24 30.70 -11.47
C PHE A 293 -17.88 31.29 -11.79
N PHE A 294 -17.05 31.51 -10.76
CA PHE A 294 -15.67 31.92 -10.98
C PHE A 294 -14.89 30.87 -11.74
N LEU A 295 -15.20 29.59 -11.52
CA LEU A 295 -14.59 28.52 -12.30
C LEU A 295 -15.24 28.37 -13.67
N ASP A 296 -16.57 28.58 -13.74
CA ASP A 296 -17.25 28.52 -15.03
C ASP A 296 -16.82 29.64 -15.97
N ILE A 297 -16.29 30.74 -15.44
CA ILE A 297 -15.71 31.76 -16.32
C ILE A 297 -14.41 31.26 -16.92
N ILE A 298 -13.56 30.61 -16.11
CA ILE A 298 -12.21 30.29 -16.55
C ILE A 298 -12.06 28.90 -17.13
N ASN A 299 -13.13 28.11 -17.23
CA ASN A 299 -13.00 26.84 -17.94
C ASN A 299 -13.37 26.95 -19.42
N GLY A 300 -13.56 28.17 -19.93
CA GLY A 300 -13.97 28.35 -21.30
C GLY A 300 -15.46 28.25 -21.54
N ASP A 301 -16.24 28.06 -20.46
CA ASP A 301 -17.71 27.90 -20.47
C ASP A 301 -18.13 26.73 -21.35
N LEU A 328 -7.59 32.19 -24.69
CA LEU A 328 -8.65 32.79 -23.90
C LEU A 328 -8.15 33.39 -22.60
N ILE A 329 -7.42 32.58 -21.81
CA ILE A 329 -7.06 32.97 -20.45
C ILE A 329 -6.02 34.09 -20.46
N GLU A 330 -5.29 34.25 -21.57
CA GLU A 330 -4.40 35.37 -21.72
C GLU A 330 -5.18 36.68 -21.86
N LYS A 331 -6.37 36.63 -22.45
CA LYS A 331 -7.25 37.78 -22.57
C LYS A 331 -8.10 37.99 -21.32
N LEU A 332 -8.34 36.92 -20.56
CA LEU A 332 -9.05 37.05 -19.29
C LEU A 332 -8.14 37.55 -18.17
N ALA A 333 -6.84 37.32 -18.27
CA ALA A 333 -5.94 37.73 -17.20
C ALA A 333 -5.69 39.23 -17.21
N GLU A 334 -5.63 39.83 -18.40
CA GLU A 334 -5.22 41.23 -18.51
C GLU A 334 -6.28 42.20 -18.04
N ILE A 335 -7.53 41.75 -17.88
CA ILE A 335 -8.58 42.62 -17.36
C ILE A 335 -8.30 42.97 -15.91
N TYR A 336 -7.68 42.05 -15.17
CA TYR A 336 -7.22 42.41 -13.83
C TYR A 336 -5.97 43.26 -13.88
N VAL A 337 -5.19 43.18 -14.96
CA VAL A 337 -4.01 44.02 -15.07
C VAL A 337 -4.39 45.47 -15.27
N ASN A 338 -5.42 45.73 -16.08
CA ASN A 338 -5.90 47.09 -16.23
C ASN A 338 -7.12 47.40 -15.36
N SER A 339 -7.26 46.69 -14.24
CA SER A 339 -8.39 46.94 -13.34
C SER A 339 -8.08 48.10 -12.40
N SER A 340 -9.00 48.34 -11.47
CA SER A 340 -8.79 49.40 -10.48
C SER A 340 -8.04 48.88 -9.25
N PHE A 341 -8.25 47.61 -8.89
CA PHE A 341 -7.59 47.04 -7.73
C PHE A 341 -6.12 46.71 -8.00
N TYR A 342 -5.74 46.56 -9.27
CA TYR A 342 -4.34 46.45 -9.63
C TYR A 342 -3.57 47.71 -9.23
N LYS A 343 -4.11 48.88 -9.61
CA LYS A 343 -3.46 50.14 -9.31
C LYS A 343 -3.51 50.46 -7.82
N GLU A 344 -4.65 50.20 -7.17
CA GLU A 344 -4.78 50.48 -5.75
C GLU A 344 -3.93 49.53 -4.92
N THR A 345 -3.74 48.29 -5.38
CA THR A 345 -2.84 47.37 -4.71
C THR A 345 -1.40 47.81 -4.89
N LYS A 346 -1.01 48.19 -6.12
CA LYS A 346 0.37 48.59 -6.37
C LYS A 346 0.73 49.90 -5.69
N ALA A 347 -0.25 50.77 -5.46
CA ALA A 347 0.03 52.03 -4.77
C ALA A 347 0.41 51.82 -3.31
N GLU A 348 -0.19 50.84 -2.65
CA GLU A 348 0.23 50.47 -1.30
C GLU A 348 1.43 49.55 -1.31
N LEU A 349 1.57 48.75 -2.36
CA LEU A 349 2.66 47.79 -2.42
C LEU A 349 4.00 48.47 -2.65
N HIS A 350 4.02 49.53 -3.47
CA HIS A 350 5.25 50.28 -3.63
C HIS A 350 5.53 51.16 -2.42
N GLN A 351 4.50 51.53 -1.65
CA GLN A 351 4.74 52.19 -0.37
C GLN A 351 5.34 51.23 0.66
N LEU A 352 4.96 49.95 0.60
CA LEU A 352 5.56 48.96 1.49
C LEU A 352 6.98 48.61 1.05
N SER A 353 7.21 48.46 -0.25
CA SER A 353 8.54 48.12 -0.75
C SER A 353 9.49 49.30 -0.80
N GLY A 354 8.98 50.52 -0.66
CA GLY A 354 9.84 51.70 -0.62
C GLY A 354 9.25 52.85 0.18
N THR A 370 16.76 27.31 20.08
CA THR A 370 15.59 26.48 19.81
C THR A 370 15.22 25.67 21.03
N THR A 371 15.55 24.38 20.99
CA THR A 371 15.32 23.45 22.09
C THR A 371 16.50 22.50 22.12
N SER A 372 16.85 22.03 23.31
CA SER A 372 18.03 21.19 23.48
C SER A 372 17.85 19.84 22.81
N PHE A 373 18.99 19.25 22.44
CA PHE A 373 19.00 17.99 21.70
C PHE A 373 18.42 16.84 22.52
N CYS A 374 18.76 16.80 23.81
CA CYS A 374 18.22 15.77 24.68
C CYS A 374 16.72 15.89 24.82
N HIS A 375 16.19 17.11 24.77
CA HIS A 375 14.75 17.30 24.90
C HIS A 375 14.01 16.79 23.68
N GLN A 376 14.53 17.07 22.49
CA GLN A 376 13.88 16.60 21.28
C GLN A 376 13.97 15.09 21.16
N LEU A 377 15.10 14.52 21.58
CA LEU A 377 15.25 13.07 21.57
C LEU A 377 14.31 12.41 22.56
N ARG A 378 14.21 12.98 23.76
CA ARG A 378 13.38 12.41 24.80
C ARG A 378 11.89 12.58 24.51
N TRP A 379 11.51 13.54 23.67
CA TRP A 379 10.09 13.64 23.35
C TRP A 379 9.72 12.86 22.11
N VAL A 380 10.63 12.74 21.15
CA VAL A 380 10.36 11.88 20.00
C VAL A 380 10.31 10.42 20.41
N SER A 381 11.19 10.00 21.34
CA SER A 381 11.17 8.62 21.78
C SER A 381 9.94 8.31 22.62
N LYS A 382 9.47 9.28 23.40
CA LYS A 382 8.24 9.08 24.16
C LYS A 382 7.03 8.99 23.24
N ARG A 383 6.99 9.83 22.20
CA ARG A 383 5.90 9.76 21.24
C ARG A 383 5.88 8.43 20.50
N SER A 384 7.06 7.90 20.17
CA SER A 384 7.09 6.65 19.44
C SER A 384 6.82 5.45 20.34
N PHE A 385 7.19 5.51 21.63
CA PHE A 385 6.76 4.49 22.57
C PHE A 385 5.26 4.47 22.71
N LYS A 386 4.63 5.64 22.79
CA LYS A 386 3.18 5.66 22.95
C LYS A 386 2.47 5.23 21.68
N ASN A 387 3.05 5.52 20.51
CA ASN A 387 2.53 5.01 19.25
C ASN A 387 2.68 3.49 19.18
N LEU A 388 3.76 2.96 19.74
CA LEU A 388 3.96 1.52 19.70
C LEU A 388 3.02 0.80 20.64
N LEU A 389 2.69 1.42 21.77
CA LEU A 389 1.65 0.85 22.62
C LEU A 389 0.28 0.99 21.97
N GLY A 390 0.10 2.02 21.14
CA GLY A 390 -1.17 2.18 20.46
C GLY A 390 -1.42 1.14 19.38
N ASN A 391 -0.37 0.76 18.64
CA ASN A 391 -0.47 -0.30 17.65
C ASN A 391 0.47 -1.45 17.97
N PRO A 392 0.16 -2.28 18.98
CA PRO A 392 1.02 -3.42 19.31
C PRO A 392 0.59 -4.68 18.57
N GLN A 393 0.45 -4.59 17.26
CA GLN A 393 0.04 -5.75 16.48
C GLN A 393 1.16 -6.34 15.66
N ALA A 394 2.12 -5.53 15.23
CA ALA A 394 3.29 -6.05 14.55
C ALA A 394 4.43 -6.33 15.51
N SER A 395 4.25 -6.04 16.79
CA SER A 395 5.25 -6.29 17.81
C SER A 395 4.95 -7.51 18.65
N ILE A 396 3.69 -7.70 19.06
CA ILE A 396 3.37 -8.94 19.75
C ILE A 396 3.33 -10.10 18.78
N ALA A 397 3.21 -9.85 17.48
CA ALA A 397 3.40 -10.90 16.50
C ALA A 397 4.85 -11.37 16.47
N GLN A 398 5.78 -10.43 16.55
CA GLN A 398 7.19 -10.77 16.59
C GLN A 398 7.56 -11.46 17.89
N ILE A 399 6.95 -11.05 19.00
CA ILE A 399 7.20 -11.71 20.28
C ILE A 399 6.63 -13.13 20.28
N ILE A 400 5.46 -13.32 19.67
CA ILE A 400 4.84 -14.65 19.61
C ILE A 400 5.66 -15.58 18.73
N VAL A 401 6.12 -15.10 17.57
CA VAL A 401 6.92 -15.94 16.70
C VAL A 401 8.29 -16.21 17.33
N THR A 402 8.83 -15.26 18.11
CA THR A 402 10.10 -15.50 18.77
C THR A 402 9.97 -16.54 19.88
N VAL A 403 8.86 -16.55 20.61
CA VAL A 403 8.64 -17.60 21.61
C VAL A 403 8.46 -18.96 20.95
N VAL A 404 7.69 -19.01 19.86
CA VAL A 404 7.46 -20.28 19.18
C VAL A 404 8.75 -20.83 18.57
N LEU A 405 9.57 -19.95 17.99
CA LEU A 405 10.85 -20.36 17.43
C LEU A 405 11.82 -20.76 18.52
N GLY A 406 11.77 -20.08 19.67
CA GLY A 406 12.62 -20.48 20.78
C GLY A 406 12.27 -21.85 21.32
N LEU A 407 10.98 -22.15 21.41
CA LEU A 407 10.54 -23.46 21.87
C LEU A 407 10.91 -24.54 20.87
N VAL A 408 10.77 -24.26 19.56
CA VAL A 408 11.06 -25.27 18.55
C VAL A 408 12.57 -25.56 18.50
N ILE A 409 13.39 -24.51 18.45
CA ILE A 409 14.84 -24.71 18.41
C ILE A 409 15.39 -25.25 19.72
N GLY A 410 14.77 -24.95 20.87
CA GLY A 410 15.17 -25.59 22.10
C GLY A 410 14.81 -27.06 22.13
N ALA A 411 13.63 -27.41 21.62
CA ALA A 411 13.22 -28.81 21.60
C ALA A 411 14.06 -29.63 20.63
N ILE A 412 14.51 -29.01 19.54
CA ILE A 412 15.40 -29.71 18.62
C ILE A 412 16.80 -29.81 19.22
N TYR A 413 17.24 -28.76 19.92
CA TYR A 413 18.53 -28.75 20.58
C TYR A 413 18.53 -29.50 21.91
N PHE A 414 17.37 -29.84 22.46
CA PHE A 414 17.37 -30.63 23.68
C PHE A 414 17.79 -32.07 23.40
N GLY A 415 17.63 -32.52 22.16
CA GLY A 415 18.08 -33.83 21.73
C GLY A 415 19.53 -33.89 21.31
N LEU A 416 20.36 -32.93 21.71
CA LEU A 416 21.78 -32.93 21.36
C LEU A 416 22.59 -33.00 22.64
N LYS A 417 23.43 -34.03 22.73
CA LYS A 417 24.28 -34.30 23.90
C LYS A 417 25.75 -34.32 23.46
N ASN A 418 26.61 -34.77 24.37
CA ASN A 418 28.02 -35.01 24.07
C ASN A 418 28.17 -36.44 23.50
N ASP A 419 27.57 -36.65 22.35
CA ASP A 419 27.47 -37.98 21.75
C ASP A 419 28.05 -37.95 20.33
N SER A 420 27.89 -39.10 19.64
CA SER A 420 28.43 -39.23 18.29
C SER A 420 27.58 -38.50 17.26
N THR A 421 26.28 -38.36 17.53
CA THR A 421 25.38 -37.59 16.68
C THR A 421 25.47 -36.12 17.10
N GLY A 422 26.64 -35.55 16.88
CA GLY A 422 27.06 -34.35 17.57
C GLY A 422 27.25 -33.11 16.73
N ILE A 423 28.52 -32.89 16.34
CA ILE A 423 29.01 -31.59 15.90
C ILE A 423 28.32 -31.09 14.64
N GLN A 424 27.93 -32.00 13.75
CA GLN A 424 27.33 -31.57 12.48
C GLN A 424 25.93 -31.01 12.66
N ASN A 425 25.18 -31.45 13.67
CA ASN A 425 23.91 -30.84 14.00
C ASN A 425 24.03 -29.76 15.06
N ARG A 426 25.07 -29.85 15.90
CA ARG A 426 25.38 -28.77 16.81
C ARG A 426 25.81 -27.51 16.09
N ALA A 427 26.34 -27.63 14.89
CA ALA A 427 26.61 -26.50 14.02
C ALA A 427 25.40 -26.09 13.22
N GLY A 428 24.28 -26.81 13.32
CA GLY A 428 23.08 -26.39 12.65
C GLY A 428 22.23 -25.60 13.61
N VAL A 429 22.22 -26.04 14.86
CA VAL A 429 21.43 -25.30 15.84
C VAL A 429 22.08 -23.95 16.16
N LEU A 430 23.39 -23.82 15.97
CA LEU A 430 24.00 -22.50 16.14
C LEU A 430 23.62 -21.57 15.00
N PHE A 431 23.43 -22.12 13.81
CA PHE A 431 22.95 -21.29 12.70
C PHE A 431 21.51 -20.89 12.91
N PHE A 432 20.70 -21.76 13.50
CA PHE A 432 19.33 -21.37 13.83
C PHE A 432 19.32 -20.28 14.90
N LEU A 433 20.20 -20.38 15.88
CA LEU A 433 20.30 -19.36 16.91
C LEU A 433 20.73 -18.03 16.32
N THR A 434 21.65 -18.05 15.37
CA THR A 434 22.08 -16.83 14.72
C THR A 434 20.96 -16.20 13.90
N THR A 435 20.34 -16.96 13.01
CA THR A 435 19.37 -16.38 12.09
C THR A 435 17.95 -16.52 12.56
N ASN A 436 17.71 -16.66 13.87
CA ASN A 436 16.35 -16.71 14.37
C ASN A 436 15.58 -15.42 14.17
N GLN A 437 16.26 -14.30 13.97
CA GLN A 437 15.60 -13.04 13.74
C GLN A 437 15.67 -12.63 12.27
N CYS A 438 15.67 -13.59 11.36
CA CYS A 438 15.64 -13.21 9.95
C CYS A 438 14.26 -12.74 9.54
N PHE A 439 13.21 -13.20 10.22
CA PHE A 439 11.87 -12.79 9.86
C PHE A 439 11.58 -11.37 10.30
N SER A 440 12.20 -10.92 11.37
CA SER A 440 11.88 -9.61 11.93
C SER A 440 12.62 -8.48 11.27
N SER A 441 13.42 -8.75 10.24
CA SER A 441 14.17 -7.68 9.58
C SER A 441 13.24 -6.78 8.78
N VAL A 442 12.20 -7.34 8.17
CA VAL A 442 11.27 -6.52 7.39
C VAL A 442 10.33 -5.71 8.27
N SER A 443 10.29 -5.97 9.57
CA SER A 443 9.44 -5.17 10.44
C SER A 443 9.97 -3.77 10.66
N ALA A 444 11.23 -3.51 10.33
CA ALA A 444 11.78 -2.17 10.40
C ALA A 444 12.11 -1.61 9.02
N VAL A 445 11.31 -1.99 8.02
CA VAL A 445 11.52 -1.43 6.68
C VAL A 445 10.74 -0.15 6.51
N GLU A 446 9.82 0.16 7.41
CA GLU A 446 8.85 1.24 7.22
C GLU A 446 9.00 2.33 8.26
N LEU A 447 10.10 2.32 9.02
CA LEU A 447 10.20 3.10 10.25
C LEU A 447 10.21 4.59 9.98
N PHE A 448 10.83 5.02 8.88
CA PHE A 448 10.77 6.41 8.46
C PHE A 448 9.98 6.58 7.17
N VAL A 449 9.21 5.57 6.79
CA VAL A 449 8.45 5.59 5.56
C VAL A 449 6.96 5.76 5.84
N VAL A 450 6.47 5.18 6.93
CA VAL A 450 5.05 5.33 7.24
C VAL A 450 4.76 6.76 7.70
N GLU A 451 5.60 7.33 8.55
CA GLU A 451 5.53 8.74 8.90
C GLU A 451 6.66 9.50 8.23
N LYS A 452 6.51 9.77 6.93
CA LYS A 452 7.41 10.71 6.28
C LYS A 452 6.73 12.01 5.90
N LYS A 453 5.42 11.98 5.63
CA LYS A 453 4.69 13.23 5.46
C LYS A 453 4.57 13.97 6.78
N LEU A 454 4.63 13.25 7.89
CA LEU A 454 4.70 13.89 9.19
C LEU A 454 6.10 14.39 9.49
N PHE A 455 7.13 13.64 9.06
CA PHE A 455 8.50 14.02 9.34
C PHE A 455 8.90 15.27 8.58
N ILE A 456 8.51 15.35 7.31
CA ILE A 456 8.85 16.52 6.50
C ILE A 456 8.21 17.77 7.07
N HIS A 457 6.94 17.66 7.48
CA HIS A 457 6.22 18.80 8.03
C HIS A 457 6.78 19.20 9.39
N GLU A 458 7.06 18.25 10.25
CA GLU A 458 7.60 18.60 11.55
C GLU A 458 9.04 19.04 11.50
N TYR A 459 9.81 18.64 10.49
CA TYR A 459 11.15 19.15 10.38
C TYR A 459 11.13 20.59 9.90
N ILE A 460 10.45 20.83 8.77
CA ILE A 460 10.51 22.19 8.23
C ILE A 460 9.58 23.15 8.96
N SER A 461 8.80 22.67 9.93
CA SER A 461 8.19 23.57 10.89
C SER A 461 9.04 23.75 12.14
N GLY A 462 10.26 23.21 12.15
CA GLY A 462 11.19 23.50 13.22
C GLY A 462 10.93 22.82 14.55
N TYR A 463 10.43 21.59 14.53
CA TYR A 463 10.24 20.86 15.78
C TYR A 463 11.57 20.31 16.28
N TYR A 464 12.27 19.56 15.44
CA TYR A 464 13.49 18.89 15.84
C TYR A 464 14.48 18.90 14.69
N ARG A 465 15.67 18.36 14.98
CA ARG A 465 16.67 18.15 13.95
C ARG A 465 16.46 16.80 13.29
N VAL A 466 17.13 16.60 12.14
CA VAL A 466 17.04 15.32 11.46
C VAL A 466 17.73 14.25 12.26
N SER A 467 18.89 14.56 12.84
CA SER A 467 19.61 13.61 13.68
C SER A 467 18.86 13.31 14.95
N SER A 468 18.15 14.29 15.49
CA SER A 468 17.38 14.05 16.71
C SER A 468 16.18 13.16 16.46
N TYR A 469 15.45 13.41 15.37
CA TYR A 469 14.35 12.52 15.00
C TYR A 469 14.85 11.11 14.71
N PHE A 470 16.00 11.02 14.05
CA PHE A 470 16.59 9.74 13.69
C PHE A 470 16.95 8.93 14.92
N LEU A 471 17.68 9.54 15.84
CA LEU A 471 18.11 8.82 17.05
C LEU A 471 16.92 8.53 17.96
N GLY A 472 15.97 9.46 18.06
CA GLY A 472 14.80 9.19 18.87
C GLY A 472 13.88 8.14 18.31
N LYS A 473 13.91 7.92 17.00
CA LYS A 473 13.10 6.85 16.43
C LYS A 473 13.79 5.51 16.52
N LEU A 474 15.09 5.45 16.23
CA LEU A 474 15.75 4.17 16.32
C LEU A 474 16.26 3.87 17.72
N LEU A 475 15.96 4.70 18.69
CA LEU A 475 16.01 4.30 20.09
C LEU A 475 14.66 3.78 20.55
N SER A 476 13.63 3.93 19.73
CA SER A 476 12.32 3.42 20.05
C SER A 476 11.97 2.15 19.30
N ASP A 477 12.64 1.84 18.20
CA ASP A 477 12.47 0.48 17.69
C ASP A 477 13.45 -0.49 18.30
N LEU A 478 14.53 0.02 18.89
CA LEU A 478 15.64 -0.83 19.31
C LEU A 478 15.29 -1.60 20.57
N LEU A 479 14.66 -0.93 21.54
CA LEU A 479 14.36 -1.60 22.79
C LEU A 479 13.27 -2.67 22.67
N PRO A 480 12.06 -2.41 22.14
CA PRO A 480 11.05 -3.47 22.18
C PRO A 480 10.96 -4.34 20.93
N MET A 481 11.79 -4.14 19.92
CA MET A 481 11.69 -4.93 18.71
C MET A 481 13.02 -5.47 18.22
N ARG A 482 14.12 -5.09 18.85
CA ARG A 482 15.44 -5.59 18.49
C ARG A 482 16.18 -6.22 19.66
N MET A 483 16.12 -5.59 20.83
CA MET A 483 16.78 -6.13 22.02
C MET A 483 15.89 -7.08 22.79
N LEU A 484 14.60 -6.80 22.87
CA LEU A 484 13.70 -7.65 23.64
C LEU A 484 13.51 -9.06 23.08
N PRO A 485 13.32 -9.29 21.76
CA PRO A 485 13.22 -10.68 21.31
C PRO A 485 14.50 -11.47 21.45
N SER A 486 15.67 -10.85 21.41
CA SER A 486 16.89 -11.61 21.68
C SER A 486 17.00 -11.98 23.16
N ILE A 487 16.51 -11.11 24.05
CA ILE A 487 16.40 -11.45 25.48
C ILE A 487 15.53 -12.66 25.68
N ILE A 488 14.30 -12.63 25.15
CA ILE A 488 13.38 -13.73 25.45
C ILE A 488 13.72 -14.98 24.64
N PHE A 489 14.41 -14.84 23.50
CA PHE A 489 14.85 -16.02 22.78
C PHE A 489 15.99 -16.71 23.51
N THR A 490 16.92 -15.93 24.07
CA THR A 490 18.01 -16.54 24.80
C THR A 490 17.53 -17.15 26.11
N CYS A 491 16.59 -16.49 26.80
CA CYS A 491 16.06 -17.07 28.03
C CYS A 491 15.08 -18.21 27.78
N ILE A 492 14.58 -18.38 26.57
CA ILE A 492 13.79 -19.58 26.27
C ILE A 492 14.69 -20.71 25.83
N VAL A 493 15.74 -20.41 25.07
CA VAL A 493 16.66 -21.45 24.61
C VAL A 493 17.43 -22.05 25.78
N TYR A 494 17.96 -21.21 26.67
CA TYR A 494 18.68 -21.77 27.80
C TYR A 494 17.79 -22.30 28.92
N PHE A 495 16.49 -22.01 28.90
CA PHE A 495 15.57 -22.68 29.82
C PHE A 495 15.41 -24.15 29.46
N MET A 496 15.53 -24.49 28.18
CA MET A 496 15.42 -25.86 27.71
C MET A 496 16.79 -26.51 27.53
N LEU A 497 17.74 -26.15 28.39
CA LEU A 497 19.14 -26.45 28.15
C LEU A 497 19.99 -26.52 29.42
N GLY A 498 21.26 -26.18 29.24
CA GLY A 498 22.37 -26.32 30.16
C GLY A 498 23.47 -27.08 29.44
N LEU A 499 24.45 -26.31 28.98
CA LEU A 499 25.59 -26.80 28.19
C LEU A 499 26.94 -26.32 28.72
N LYS A 500 27.01 -25.08 29.18
CA LYS A 500 28.22 -24.50 29.75
C LYS A 500 27.75 -23.54 30.83
N PRO A 501 27.68 -23.99 32.08
CA PRO A 501 27.16 -23.10 33.14
C PRO A 501 28.20 -22.05 33.50
N LYS A 502 28.04 -20.85 32.97
CA LYS A 502 29.05 -19.81 33.15
C LYS A 502 28.43 -18.49 33.57
N ALA A 503 27.20 -18.24 33.10
CA ALA A 503 26.53 -16.94 33.10
C ALA A 503 27.35 -15.85 32.39
N ASP A 504 28.24 -16.24 31.50
CA ASP A 504 28.95 -15.36 30.59
C ASP A 504 28.82 -15.80 29.15
N ALA A 505 28.69 -17.10 28.91
CA ALA A 505 28.25 -17.59 27.60
C ALA A 505 26.85 -17.08 27.28
N PHE A 506 26.00 -16.97 28.31
CA PHE A 506 24.69 -16.33 28.16
C PHE A 506 24.83 -14.89 27.69
N PHE A 507 25.73 -14.12 28.30
CA PHE A 507 25.83 -12.71 27.97
C PHE A 507 26.45 -12.50 26.60
N VAL A 508 27.45 -13.30 26.24
CA VAL A 508 28.07 -13.11 24.93
C VAL A 508 27.15 -13.65 23.83
N MET A 509 26.33 -14.68 24.13
CA MET A 509 25.35 -15.13 23.16
C MET A 509 24.25 -14.11 22.98
N MET A 510 23.79 -13.50 24.07
CA MET A 510 22.73 -12.51 23.99
C MET A 510 23.19 -11.26 23.26
N PHE A 511 24.45 -10.86 23.49
CA PHE A 511 25.01 -9.73 22.76
C PHE A 511 25.19 -10.06 21.29
N THR A 512 25.59 -11.29 20.98
CA THR A 512 25.75 -11.67 19.58
C THR A 512 24.41 -11.70 18.84
N LEU A 513 23.37 -12.20 19.50
CA LEU A 513 22.06 -12.22 18.86
C LEU A 513 21.50 -10.81 18.71
N MET A 514 21.77 -9.93 19.68
CA MET A 514 21.37 -8.54 19.56
C MET A 514 22.08 -7.86 18.39
N MET A 515 23.38 -8.11 18.25
CA MET A 515 24.14 -7.48 17.17
C MET A 515 23.72 -7.99 15.81
N VAL A 516 23.45 -9.30 15.69
CA VAL A 516 23.03 -9.85 14.41
C VAL A 516 21.63 -9.36 14.04
N ALA A 517 20.72 -9.33 15.01
CA ALA A 517 19.36 -8.88 14.74
C ALA A 517 19.33 -7.39 14.40
N TYR A 518 20.03 -6.57 15.17
CA TYR A 518 20.04 -5.15 14.89
C TYR A 518 20.80 -4.81 13.62
N SER A 519 21.79 -5.62 13.24
CA SER A 519 22.51 -5.37 12.00
C SER A 519 21.68 -5.72 10.79
N ALA A 520 20.97 -6.85 10.83
CA ALA A 520 20.09 -7.20 9.72
C ALA A 520 18.93 -6.22 9.61
N SER A 521 18.42 -5.74 10.74
CA SER A 521 17.34 -4.79 10.70
C SER A 521 17.78 -3.42 10.19
N SER A 522 19.00 -3.01 10.53
CA SER A 522 19.51 -1.76 9.97
C SER A 522 19.83 -1.88 8.50
N MET A 523 20.22 -3.08 8.05
CA MET A 523 20.35 -3.33 6.61
C MET A 523 19.01 -3.19 5.92
N ALA A 524 17.94 -3.68 6.55
CA ALA A 524 16.62 -3.50 5.95
C ALA A 524 16.14 -2.06 6.02
N LEU A 525 16.64 -1.26 6.95
CA LEU A 525 16.40 0.17 6.93
C LEU A 525 17.09 0.83 5.75
N ALA A 526 18.37 0.54 5.57
CA ALA A 526 19.15 1.27 4.57
C ALA A 526 18.81 0.82 3.16
N ILE A 527 18.83 -0.48 2.91
CA ILE A 527 18.79 -0.97 1.53
C ILE A 527 17.39 -0.87 0.96
N ALA A 528 16.36 -1.12 1.75
CA ALA A 528 14.99 -1.06 1.27
C ALA A 528 14.24 0.05 1.98
N ALA A 529 14.02 1.17 1.32
CA ALA A 529 13.08 2.15 1.87
C ALA A 529 11.94 2.46 0.91
N GLY A 530 12.25 2.92 -0.30
CA GLY A 530 11.23 3.35 -1.24
C GLY A 530 10.84 2.30 -2.25
N GLN A 531 10.12 1.26 -1.81
CA GLN A 531 9.80 0.14 -2.68
C GLN A 531 8.40 -0.37 -2.37
N SER A 532 7.96 -1.36 -3.14
CA SER A 532 6.59 -1.84 -3.13
C SER A 532 6.43 -3.02 -2.17
N VAL A 533 5.32 -3.74 -2.26
CA VAL A 533 5.10 -4.89 -1.38
C VAL A 533 5.75 -6.15 -1.95
N VAL A 534 5.88 -6.25 -3.27
CA VAL A 534 6.59 -7.37 -3.87
C VAL A 534 8.09 -7.11 -3.83
N SER A 535 8.49 -5.86 -4.04
CA SER A 535 9.91 -5.55 -4.22
C SER A 535 10.67 -5.59 -2.90
N VAL A 536 10.05 -5.16 -1.80
CA VAL A 536 10.70 -5.22 -0.50
C VAL A 536 10.94 -6.67 -0.08
N ALA A 537 9.94 -7.52 -0.24
CA ALA A 537 10.10 -8.91 0.17
C ALA A 537 10.96 -9.71 -0.79
N THR A 538 10.93 -9.39 -2.09
CA THR A 538 11.83 -10.04 -3.03
C THR A 538 13.27 -9.62 -2.78
N LEU A 539 13.49 -8.36 -2.41
CA LEU A 539 14.83 -7.90 -2.10
C LEU A 539 15.34 -8.52 -0.80
N LEU A 540 14.50 -8.55 0.22
CA LEU A 540 14.94 -9.09 1.50
C LEU A 540 14.92 -10.61 1.55
N MET A 541 14.37 -11.27 0.54
CA MET A 541 14.57 -12.70 0.40
C MET A 541 15.70 -13.03 -0.54
N THR A 542 16.06 -12.14 -1.46
CA THR A 542 17.27 -12.37 -2.23
C THR A 542 18.50 -12.16 -1.36
N ILE A 543 18.48 -11.18 -0.48
CA ILE A 543 19.66 -11.01 0.37
C ILE A 543 19.49 -11.81 1.66
N CYS A 544 18.48 -12.67 1.70
CA CYS A 544 18.42 -13.80 2.62
C CYS A 544 18.89 -15.08 1.96
N PHE A 545 18.72 -15.20 0.66
CA PHE A 545 19.32 -16.32 -0.05
C PHE A 545 20.83 -16.17 -0.09
N VAL A 546 21.30 -15.10 -0.74
CA VAL A 546 22.71 -14.97 -1.10
C VAL A 546 23.58 -14.77 0.13
N PHE A 547 23.21 -13.86 1.01
CA PHE A 547 24.05 -13.51 2.14
C PHE A 547 23.65 -14.21 3.42
N MET A 548 22.78 -15.14 3.37
CA MET A 548 22.58 -15.92 4.58
C MET A 548 22.70 -17.41 4.35
N MET A 549 22.17 -17.94 3.25
CA MET A 549 22.30 -19.37 3.08
C MET A 549 23.53 -19.72 2.26
N ILE A 550 23.81 -18.98 1.18
CA ILE A 550 24.94 -19.32 0.34
C ILE A 550 26.25 -18.96 1.01
N PHE A 551 26.43 -17.68 1.34
CA PHE A 551 27.76 -17.21 1.67
C PHE A 551 28.08 -17.24 3.15
N SER A 552 27.08 -17.22 4.03
CA SER A 552 27.38 -17.50 5.42
C SER A 552 27.63 -18.99 5.55
N GLY A 553 28.88 -19.39 5.36
CA GLY A 553 29.18 -20.77 5.07
C GLY A 553 28.95 -21.76 6.19
N LEU A 554 27.88 -22.52 6.06
CA LEU A 554 27.65 -23.69 6.91
C LEU A 554 27.40 -24.93 6.09
N LEU A 555 26.92 -24.78 4.86
CA LEU A 555 26.55 -25.91 4.03
C LEU A 555 27.19 -25.82 2.65
N VAL A 556 28.06 -24.84 2.44
CA VAL A 556 29.17 -24.93 1.50
C VAL A 556 30.40 -24.39 2.22
N ASN A 557 31.46 -25.19 2.26
CA ASN A 557 32.68 -24.77 2.96
C ASN A 557 33.34 -23.63 2.21
N LEU A 558 33.56 -22.52 2.90
CA LEU A 558 33.91 -21.27 2.23
C LEU A 558 35.34 -21.29 1.70
N THR A 559 36.21 -22.09 2.29
CA THR A 559 37.58 -22.17 1.79
C THR A 559 37.75 -23.29 0.77
N THR A 560 36.79 -23.38 -0.14
CA THR A 560 36.96 -24.09 -1.42
C THR A 560 36.61 -23.23 -2.61
N ILE A 561 35.80 -22.19 -2.41
CA ILE A 561 35.40 -21.29 -3.49
C ILE A 561 36.60 -20.49 -3.95
N ALA A 562 36.68 -20.24 -5.26
CA ALA A 562 37.79 -19.48 -5.81
C ALA A 562 37.72 -18.03 -5.35
N SER A 563 38.89 -17.40 -5.25
CA SER A 563 39.00 -16.12 -4.57
C SER A 563 38.57 -14.94 -5.43
N TRP A 564 37.39 -15.06 -6.01
CA TRP A 564 36.69 -13.96 -6.63
C TRP A 564 35.21 -14.06 -6.34
N LEU A 565 34.80 -15.11 -5.63
CA LEU A 565 33.46 -15.25 -5.10
C LEU A 565 33.48 -15.58 -3.62
N SER A 566 34.65 -15.91 -3.07
CA SER A 566 34.82 -16.08 -1.64
C SER A 566 34.89 -14.75 -0.90
N TRP A 567 35.10 -13.63 -1.61
CA TRP A 567 35.15 -12.35 -0.94
C TRP A 567 33.78 -11.88 -0.50
N LEU A 568 32.72 -12.45 -1.05
CA LEU A 568 31.36 -12.04 -0.71
C LEU A 568 30.93 -12.55 0.66
N GLN A 569 31.75 -13.36 1.32
CA GLN A 569 31.44 -13.79 2.68
C GLN A 569 31.67 -12.69 3.70
N TYR A 570 32.29 -11.58 3.33
CA TYR A 570 32.53 -10.48 4.25
C TYR A 570 31.39 -9.51 4.32
N PHE A 571 30.39 -9.66 3.48
CA PHE A 571 29.25 -8.78 3.43
C PHE A 571 28.03 -9.40 4.09
N SER A 572 28.16 -10.63 4.60
CA SER A 572 27.04 -11.41 5.08
C SER A 572 26.90 -11.26 6.58
N ILE A 573 25.70 -10.93 7.02
CA ILE A 573 25.46 -10.76 8.46
C ILE A 573 25.62 -12.05 9.26
N PRO A 574 24.96 -13.17 8.92
CA PRO A 574 24.98 -14.29 9.87
C PRO A 574 26.27 -15.09 9.89
N ARG A 575 27.22 -14.85 8.99
CA ARG A 575 28.50 -15.52 9.10
C ARG A 575 29.26 -15.04 10.34
N TYR A 576 29.15 -13.76 10.64
CA TYR A 576 29.79 -13.21 11.82
C TYR A 576 29.16 -13.73 13.10
N GLY A 577 27.82 -13.78 13.14
CA GLY A 577 27.16 -14.32 14.31
C GLY A 577 27.40 -15.80 14.48
N PHE A 578 27.46 -16.54 13.37
CA PHE A 578 27.75 -17.96 13.41
C PHE A 578 29.16 -18.22 13.91
N THR A 579 30.13 -17.42 13.48
CA THR A 579 31.50 -17.57 13.96
C THR A 579 31.61 -17.18 15.43
N ALA A 580 30.91 -16.12 15.84
CA ALA A 580 30.96 -15.71 17.23
C ALA A 580 30.24 -16.67 18.16
N LEU A 581 29.29 -17.45 17.65
CA LEU A 581 28.68 -18.45 18.49
C LEU A 581 29.45 -19.77 18.47
N GLN A 582 30.12 -20.08 17.36
CA GLN A 582 31.00 -21.25 17.33
C GLN A 582 32.19 -21.06 18.25
N HIS A 583 32.75 -19.85 18.28
CA HIS A 583 33.88 -19.56 19.16
C HIS A 583 33.49 -19.58 20.63
N ASN A 584 32.22 -19.44 20.94
CA ASN A 584 31.75 -19.53 22.32
C ASN A 584 31.28 -20.92 22.68
N GLU A 585 30.82 -21.70 21.72
CA GLU A 585 30.36 -23.05 22.00
C GLU A 585 31.52 -24.04 22.04
N PHE A 586 32.40 -24.02 21.04
CA PHE A 586 33.34 -25.11 20.80
C PHE A 586 34.73 -24.83 21.37
N LEU A 587 34.83 -24.18 22.53
CA LEU A 587 36.12 -23.99 23.17
C LEU A 587 36.26 -24.93 24.35
N GLY A 588 37.30 -25.72 24.34
CA GLY A 588 37.67 -26.58 25.47
C GLY A 588 37.04 -27.96 25.50
N GLN A 589 35.79 -28.07 25.06
CA GLN A 589 35.08 -29.34 25.16
C GLN A 589 35.59 -30.31 24.11
N ASN A 590 35.66 -31.59 24.49
CA ASN A 590 36.20 -32.61 23.61
C ASN A 590 35.13 -33.41 22.88
N PHE A 591 33.91 -33.48 23.42
CA PHE A 591 32.73 -34.10 22.82
C PHE A 591 32.90 -35.61 22.58
N CYS A 592 33.89 -36.22 23.23
CA CYS A 592 34.20 -37.63 23.03
C CYS A 592 34.72 -38.17 24.35
N PRO A 593 33.85 -38.72 25.20
CA PRO A 593 34.24 -39.06 26.58
C PRO A 593 35.06 -40.33 26.68
N GLY A 594 36.37 -40.24 26.45
CA GLY A 594 37.23 -41.40 26.52
C GLY A 594 37.31 -42.20 25.25
N LEU A 595 36.94 -41.61 24.11
CA LEU A 595 37.04 -42.25 22.80
C LEU A 595 37.78 -41.28 21.88
N ASN A 596 39.11 -41.34 21.91
CA ASN A 596 39.90 -40.37 21.16
C ASN A 596 40.04 -40.79 19.69
N ALA A 597 40.72 -41.93 19.47
CA ALA A 597 40.99 -42.52 18.15
C ALA A 597 41.68 -41.55 17.20
N THR A 598 42.49 -40.63 17.73
CA THR A 598 43.17 -39.64 16.91
C THR A 598 44.47 -40.23 16.37
N GLY A 599 44.58 -40.28 15.05
CA GLY A 599 45.76 -40.84 14.41
C GLY A 599 45.44 -41.89 13.37
N ASN A 600 44.16 -41.96 12.97
CA ASN A 600 43.71 -42.93 11.99
C ASN A 600 43.90 -42.33 10.60
N ASN A 601 45.13 -42.43 10.11
CA ASN A 601 45.58 -41.75 8.89
C ASN A 601 45.07 -42.34 7.56
N PRO A 602 44.99 -43.67 7.35
CA PRO A 602 44.31 -44.14 6.12
C PRO A 602 42.80 -43.94 6.15
N CYS A 603 42.20 -43.71 7.32
CA CYS A 603 40.78 -43.49 7.44
C CYS A 603 40.46 -42.01 7.20
N ASN A 604 39.25 -41.59 7.53
CA ASN A 604 38.83 -40.21 7.30
C ASN A 604 38.10 -39.65 8.51
N TYR A 605 38.54 -38.45 8.93
CA TYR A 605 37.89 -37.63 9.95
C TYR A 605 37.82 -38.35 11.30
N ALA A 606 38.99 -38.60 11.88
CA ALA A 606 39.05 -39.08 13.27
C ALA A 606 39.30 -37.92 14.25
N THR A 607 38.55 -36.83 14.10
CA THR A 607 38.75 -35.64 14.92
C THR A 607 37.41 -35.17 15.47
N CYS A 608 37.38 -34.92 16.78
CA CYS A 608 36.13 -34.75 17.52
C CYS A 608 36.09 -33.50 18.38
N THR A 609 37.25 -32.98 18.81
CA THR A 609 37.32 -31.79 19.64
C THR A 609 37.00 -30.52 18.86
N GLY A 610 36.52 -29.50 19.57
CA GLY A 610 36.15 -28.26 18.90
C GLY A 610 37.35 -27.41 18.50
N GLU A 611 38.48 -27.58 19.18
CA GLU A 611 39.68 -26.83 18.86
C GLU A 611 40.24 -27.27 17.50
N GLU A 612 40.22 -28.57 17.21
CA GLU A 612 40.40 -29.07 15.84
C GLU A 612 39.09 -29.18 15.09
N TYR A 613 38.15 -28.29 15.36
CA TYR A 613 37.02 -28.06 14.47
C TYR A 613 36.93 -26.61 14.02
N LEU A 614 37.41 -25.68 14.85
CA LEU A 614 37.49 -24.29 14.44
C LEU A 614 38.53 -24.09 13.34
N VAL A 615 39.65 -24.82 13.41
CA VAL A 615 40.65 -24.72 12.36
C VAL A 615 40.16 -25.38 11.08
N LYS A 616 39.29 -26.39 11.19
CA LYS A 616 38.73 -27.00 10.00
C LYS A 616 37.68 -26.11 9.38
N GLN A 617 36.93 -25.37 10.20
CA GLN A 617 36.03 -24.35 9.70
C GLN A 617 36.77 -23.12 9.19
N GLY A 618 38.04 -22.97 9.57
CA GLY A 618 38.83 -21.85 9.10
C GLY A 618 38.68 -20.59 9.91
N ILE A 619 38.45 -20.71 11.22
CA ILE A 619 38.21 -19.55 12.07
C ILE A 619 39.22 -19.56 13.21
N ASP A 620 39.39 -18.39 13.81
CA ASP A 620 40.45 -18.14 14.78
C ASP A 620 40.15 -18.81 16.11
N LEU A 621 41.20 -18.93 16.94
CA LEU A 621 41.08 -19.47 18.27
C LEU A 621 41.43 -18.47 19.36
N SER A 622 42.06 -17.35 19.02
CA SER A 622 42.38 -16.34 19.99
C SER A 622 41.11 -15.62 20.44
N PRO A 623 41.14 -14.96 21.60
CA PRO A 623 39.97 -14.16 22.00
C PRO A 623 39.68 -12.98 21.10
N TRP A 624 40.61 -12.56 20.24
CA TRP A 624 40.28 -11.60 19.20
C TRP A 624 39.38 -12.22 18.15
N GLY A 625 39.46 -13.54 17.97
CA GLY A 625 38.60 -14.23 17.04
C GLY A 625 37.15 -14.32 17.47
N LEU A 626 36.83 -13.99 18.71
CA LEU A 626 35.45 -13.88 19.16
C LEU A 626 34.88 -12.49 18.90
N TRP A 627 35.70 -11.45 19.04
CA TRP A 627 35.22 -10.08 18.95
C TRP A 627 35.49 -9.43 17.61
N LYS A 628 36.22 -10.08 16.72
CA LYS A 628 36.37 -9.59 15.36
C LYS A 628 35.04 -9.57 14.64
N ASN A 629 34.20 -10.56 14.92
CA ASN A 629 32.86 -10.61 14.34
C ASN A 629 31.98 -9.52 14.90
N HIS A 630 32.12 -9.20 16.19
CA HIS A 630 31.32 -8.13 16.77
C HIS A 630 31.74 -6.77 16.26
N VAL A 631 33.05 -6.56 16.03
CA VAL A 631 33.44 -5.26 15.51
C VAL A 631 33.10 -5.15 14.02
N ALA A 632 33.03 -6.28 13.31
CA ALA A 632 32.59 -6.23 11.93
C ALA A 632 31.09 -5.94 11.82
N LEU A 633 30.31 -6.55 12.71
CA LEU A 633 28.88 -6.25 12.76
C LEU A 633 28.62 -4.82 13.21
N ALA A 634 29.46 -4.28 14.10
CA ALA A 634 29.31 -2.90 14.51
C ALA A 634 29.63 -1.94 13.38
N CYS A 635 30.63 -2.28 12.56
CA CYS A 635 30.91 -1.48 11.37
C CYS A 635 29.74 -1.53 10.38
N MET A 636 29.10 -2.69 10.26
CA MET A 636 27.93 -2.77 9.39
C MET A 636 26.76 -1.98 9.92
N ILE A 637 26.57 -1.97 11.25
CA ILE A 637 25.49 -1.18 11.85
C ILE A 637 25.74 0.30 11.59
N VAL A 638 26.98 0.75 11.77
CA VAL A 638 27.29 2.18 11.59
C VAL A 638 27.13 2.59 10.13
N ILE A 639 27.54 1.73 9.20
CA ILE A 639 27.44 2.07 7.78
C ILE A 639 25.98 2.07 7.31
N PHE A 640 25.20 1.07 7.73
CA PHE A 640 23.80 1.02 7.30
C PHE A 640 22.97 2.10 7.96
N LEU A 641 23.27 2.44 9.22
CA LEU A 641 22.55 3.53 9.85
C LEU A 641 22.98 4.88 9.29
N THR A 642 24.21 4.99 8.79
CA THR A 642 24.60 6.22 8.13
C THR A 642 23.90 6.35 6.78
N ILE A 643 23.70 5.25 6.06
CA ILE A 643 22.93 5.31 4.82
C ILE A 643 21.47 5.65 5.11
N ALA A 644 20.91 5.10 6.20
CA ALA A 644 19.54 5.42 6.57
C ALA A 644 19.41 6.84 7.10
N TYR A 645 20.49 7.43 7.62
CA TYR A 645 20.46 8.81 8.03
C TYR A 645 20.60 9.75 6.86
N LEU A 646 21.47 9.42 5.91
CA LEU A 646 21.64 10.26 4.74
C LEU A 646 20.42 10.22 3.84
N LYS A 647 19.69 9.12 3.80
CA LYS A 647 18.45 9.10 3.04
C LYS A 647 17.35 9.93 3.67
N LEU A 648 17.50 10.26 4.95
CA LEU A 648 16.60 11.18 5.63
C LEU A 648 17.07 12.62 5.49
N LEU A 649 18.37 12.82 5.44
CA LEU A 649 18.91 14.17 5.28
C LEU A 649 18.73 14.69 3.86
N PHE A 650 19.00 13.84 2.86
CA PHE A 650 18.85 14.24 1.46
C PHE A 650 17.46 13.89 0.93
N LEU A 651 16.44 14.32 1.65
CA LEU A 651 15.07 14.14 1.25
C LEU A 651 14.52 15.49 0.84
N LYS A 652 13.78 15.52 -0.25
CA LYS A 652 13.23 16.77 -0.75
C LYS A 652 12.12 17.19 0.19
N LYS A 653 12.43 18.11 1.10
CA LYS A 653 11.51 18.52 2.15
C LYS A 653 10.70 19.72 1.75
N TYR A 654 10.49 19.95 0.46
CA TYR A 654 9.76 21.12 -0.02
C TYR A 654 8.64 20.72 -0.96
N ALA B 35 -37.81 1.64 -21.29
CA ALA B 35 -37.20 1.10 -20.08
C ALA B 35 -37.55 1.96 -18.88
N VAL B 36 -38.47 1.49 -18.06
CA VAL B 36 -39.00 2.25 -16.94
C VAL B 36 -38.71 1.46 -15.67
N LEU B 37 -37.66 1.84 -14.97
CA LEU B 37 -37.32 1.20 -13.71
C LEU B 37 -38.16 1.78 -12.59
N SER B 38 -38.77 0.93 -11.79
CA SER B 38 -39.66 1.37 -10.73
C SER B 38 -39.37 0.58 -9.46
N PHE B 39 -39.76 1.16 -8.34
CA PHE B 39 -39.41 0.57 -7.05
C PHE B 39 -40.40 1.07 -6.01
N HIS B 40 -40.62 0.26 -4.98
CA HIS B 40 -41.74 0.50 -4.07
C HIS B 40 -41.42 -0.05 -2.69
N ASN B 41 -41.28 0.87 -1.72
CA ASN B 41 -41.18 0.57 -0.29
C ASN B 41 -39.97 -0.31 0.03
N ILE B 42 -38.82 0.06 -0.50
CA ILE B 42 -37.62 -0.79 -0.41
C ILE B 42 -36.93 -0.45 0.90
N CYS B 43 -37.42 -1.06 1.97
CA CYS B 43 -36.84 -0.88 3.30
C CYS B 43 -35.66 -1.83 3.45
N TYR B 44 -34.51 -1.42 2.90
CA TYR B 44 -33.30 -2.24 2.97
C TYR B 44 -32.69 -2.17 4.37
N ARG B 45 -32.34 -3.33 4.92
CA ARG B 45 -31.75 -3.43 6.25
C ARG B 45 -30.59 -4.42 6.23
N VAL B 46 -29.48 -4.03 6.87
CA VAL B 46 -28.33 -4.91 7.00
C VAL B 46 -28.03 -5.16 8.47
N LYS B 61 -27.95 -0.92 10.54
CA LYS B 61 -29.28 -1.15 11.09
C LYS B 61 -30.31 -0.25 10.43
N GLU B 62 -31.01 -0.81 9.43
CA GLU B 62 -32.05 -0.13 8.63
C GLU B 62 -31.46 1.11 7.95
N ILE B 63 -30.55 0.85 7.02
CA ILE B 63 -29.85 1.92 6.32
C ILE B 63 -30.74 2.61 5.28
N LEU B 64 -31.84 2.00 4.87
CA LEU B 64 -32.81 2.63 4.01
C LEU B 64 -34.20 2.47 4.60
N SER B 65 -35.00 3.53 4.53
CA SER B 65 -36.38 3.50 4.97
C SER B 65 -37.27 3.15 3.78
N ASN B 66 -38.57 3.36 3.92
CA ASN B 66 -39.47 3.10 2.81
C ASN B 66 -39.28 4.14 1.72
N ILE B 67 -39.15 3.68 0.49
CA ILE B 67 -38.65 4.46 -0.63
C ILE B 67 -39.38 4.00 -1.88
N ASN B 68 -39.92 4.94 -2.64
CA ASN B 68 -40.55 4.59 -3.90
C ASN B 68 -40.40 5.72 -4.90
N GLY B 69 -40.45 5.36 -6.17
CA GLY B 69 -40.24 6.31 -7.25
C GLY B 69 -40.19 5.58 -8.57
N ILE B 70 -40.15 6.36 -9.64
CA ILE B 70 -40.19 5.85 -11.00
C ILE B 70 -39.05 6.48 -11.77
N MET B 71 -38.18 5.65 -12.35
CA MET B 71 -37.03 6.11 -13.11
C MET B 71 -37.45 6.18 -14.58
N LYS B 72 -37.86 7.36 -15.02
CA LYS B 72 -38.30 7.58 -16.39
C LYS B 72 -37.10 7.49 -17.34
N PRO B 73 -37.34 7.10 -18.61
CA PRO B 73 -36.21 6.94 -19.54
C PRO B 73 -35.53 8.22 -19.95
N GLY B 74 -34.74 8.79 -19.04
CA GLY B 74 -34.02 10.01 -19.30
C GLY B 74 -32.64 10.04 -18.71
N LEU B 75 -32.37 11.05 -17.91
CA LEU B 75 -31.09 11.23 -17.22
C LEU B 75 -31.36 11.36 -15.72
N ASN B 76 -32.02 10.35 -15.17
CA ASN B 76 -32.38 10.32 -13.76
C ASN B 76 -31.15 10.41 -12.86
N ALA B 77 -31.25 11.20 -11.81
CA ALA B 77 -30.15 11.40 -10.88
C ALA B 77 -30.57 11.03 -9.47
N ILE B 78 -29.59 10.82 -8.61
CA ILE B 78 -29.82 10.50 -7.21
C ILE B 78 -28.87 11.36 -6.39
N LEU B 79 -29.41 12.23 -5.54
CA LEU B 79 -28.58 13.16 -4.81
C LEU B 79 -28.69 12.95 -3.31
N GLY B 80 -27.83 13.66 -2.58
CA GLY B 80 -27.87 13.65 -1.14
C GLY B 80 -26.50 13.66 -0.52
N PRO B 81 -26.44 13.59 0.81
CA PRO B 81 -25.15 13.45 1.49
C PRO B 81 -24.61 12.03 1.32
N THR B 82 -23.31 11.90 1.61
CA THR B 82 -22.60 10.66 1.33
C THR B 82 -23.07 9.52 2.24
N GLY B 83 -23.28 9.81 3.52
CA GLY B 83 -23.71 8.77 4.45
C GLY B 83 -25.14 8.31 4.27
N GLY B 84 -25.92 8.99 3.43
CA GLY B 84 -27.29 8.60 3.19
C GLY B 84 -27.39 7.43 2.23
N GLY B 85 -28.56 7.30 1.62
CA GLY B 85 -28.79 6.22 0.69
C GLY B 85 -28.46 6.57 -0.74
N LYS B 86 -27.60 7.57 -0.94
CA LYS B 86 -27.23 8.01 -2.28
C LYS B 86 -26.48 6.92 -3.02
N SER B 87 -25.58 6.21 -2.33
CA SER B 87 -24.83 5.12 -2.92
C SER B 87 -25.45 3.76 -2.64
N SER B 88 -26.39 3.67 -1.71
CA SER B 88 -27.01 2.39 -1.39
C SER B 88 -28.26 2.12 -2.22
N LEU B 89 -29.05 3.15 -2.52
CA LEU B 89 -30.20 2.97 -3.38
C LEU B 89 -29.78 2.62 -4.79
N LEU B 90 -28.61 3.09 -5.22
CA LEU B 90 -28.11 2.75 -6.54
C LEU B 90 -27.71 1.29 -6.63
N ASP B 91 -27.08 0.77 -5.57
CA ASP B 91 -26.77 -0.65 -5.52
C ASP B 91 -28.01 -1.50 -5.35
N VAL B 92 -29.06 -0.98 -4.71
CA VAL B 92 -30.33 -1.69 -4.63
C VAL B 92 -31.02 -1.69 -6.00
N LEU B 93 -30.86 -0.61 -6.76
CA LEU B 93 -31.52 -0.51 -8.05
C LEU B 93 -30.81 -1.35 -9.10
N ALA B 94 -29.49 -1.47 -9.01
CA ALA B 94 -28.78 -2.51 -9.72
C ALA B 94 -28.86 -3.78 -8.88
N ALA B 95 -28.10 -4.82 -9.19
CA ALA B 95 -28.12 -5.93 -8.24
C ALA B 95 -27.22 -5.61 -7.06
N ARG B 96 -25.90 -5.57 -7.29
CA ARG B 96 -24.83 -4.91 -6.52
C ARG B 96 -24.94 -4.87 -5.00
N LYS B 97 -25.69 -5.81 -4.42
CA LYS B 97 -26.14 -5.69 -3.04
C LYS B 97 -26.84 -6.98 -2.65
N ASP B 98 -26.74 -7.39 -1.39
CA ASP B 98 -27.33 -8.61 -0.87
C ASP B 98 -28.86 -8.57 -1.02
N PRO B 99 -29.44 -9.40 -1.88
CA PRO B 99 -30.87 -9.34 -2.14
C PRO B 99 -31.74 -9.92 -1.03
N SER B 100 -31.13 -10.40 0.05
CA SER B 100 -31.91 -10.94 1.16
C SER B 100 -32.61 -9.84 1.92
N GLY B 101 -31.88 -8.79 2.30
CA GLY B 101 -32.44 -7.76 3.14
C GLY B 101 -33.14 -6.65 2.39
N LEU B 102 -33.73 -6.97 1.25
CA LEU B 102 -34.32 -5.94 0.39
C LEU B 102 -35.63 -5.43 0.98
N SER B 103 -36.60 -6.33 1.13
CA SER B 103 -37.96 -6.04 1.58
C SER B 103 -38.62 -4.98 0.71
N GLY B 104 -38.52 -5.16 -0.60
CA GLY B 104 -39.17 -4.24 -1.51
C GLY B 104 -39.44 -4.85 -2.87
N ASP B 105 -39.89 -4.04 -3.83
CA ASP B 105 -40.32 -4.53 -5.14
C ASP B 105 -39.70 -3.65 -6.21
N VAL B 106 -38.55 -4.05 -6.75
CA VAL B 106 -37.95 -3.33 -7.86
C VAL B 106 -38.45 -3.94 -9.15
N LEU B 107 -38.80 -3.10 -10.12
CA LEU B 107 -39.66 -3.53 -11.21
C LEU B 107 -39.32 -2.77 -12.49
N ILE B 108 -39.20 -3.47 -13.60
CA ILE B 108 -38.82 -2.88 -14.88
C ILE B 108 -39.94 -3.10 -15.88
N ASN B 109 -40.51 -2.00 -16.39
CA ASN B 109 -41.50 -1.98 -17.47
C ASN B 109 -42.76 -2.79 -17.13
N GLY B 110 -43.16 -2.74 -15.88
CA GLY B 110 -44.30 -3.52 -15.43
C GLY B 110 -43.95 -4.85 -14.82
N ALA B 111 -43.02 -5.55 -15.44
CA ALA B 111 -42.62 -6.86 -14.94
C ALA B 111 -41.58 -6.72 -13.83
N PRO B 112 -41.53 -7.65 -12.89
CA PRO B 112 -40.47 -7.62 -11.89
C PRO B 112 -39.12 -7.93 -12.50
N ARG B 113 -38.09 -7.62 -11.73
CA ARG B 113 -36.73 -7.62 -12.22
C ARG B 113 -36.21 -9.04 -12.38
N PRO B 114 -35.67 -9.41 -13.54
CA PRO B 114 -35.16 -10.77 -13.71
C PRO B 114 -33.86 -10.98 -12.96
N ALA B 115 -33.49 -12.24 -12.82
CA ALA B 115 -32.15 -12.55 -12.32
C ALA B 115 -31.11 -12.28 -13.39
N ASN B 116 -31.50 -12.36 -14.66
CA ASN B 116 -30.69 -11.93 -15.79
C ASN B 116 -30.85 -10.43 -15.96
N PHE B 117 -30.31 -9.68 -15.00
CA PHE B 117 -30.42 -8.24 -15.00
C PHE B 117 -29.07 -7.54 -15.08
N LYS B 118 -28.05 -8.07 -14.42
CA LYS B 118 -26.73 -7.46 -14.56
C LYS B 118 -26.10 -7.74 -15.90
N CYS B 119 -26.53 -8.79 -16.59
CA CYS B 119 -26.03 -9.02 -17.93
C CYS B 119 -26.67 -8.10 -18.96
N ASN B 120 -27.85 -7.56 -18.68
CA ASN B 120 -28.52 -6.66 -19.61
C ASN B 120 -28.44 -5.20 -19.20
N SER B 121 -28.04 -4.92 -17.98
CA SER B 121 -27.86 -3.55 -17.52
C SER B 121 -26.40 -3.18 -17.69
N GLY B 122 -26.01 -2.05 -17.14
CA GLY B 122 -24.61 -1.69 -17.15
C GLY B 122 -24.28 -0.81 -15.96
N TYR B 123 -23.27 -1.19 -15.19
CA TYR B 123 -22.95 -0.49 -13.95
C TYR B 123 -21.54 0.06 -14.08
N VAL B 124 -21.41 1.35 -14.32
CA VAL B 124 -20.10 1.98 -14.40
C VAL B 124 -19.68 2.37 -13.00
N VAL B 125 -18.85 1.54 -12.37
CA VAL B 125 -18.49 1.72 -10.97
C VAL B 125 -17.59 2.95 -10.81
N GLN B 126 -17.45 3.41 -9.57
CA GLN B 126 -16.88 4.73 -9.31
C GLN B 126 -15.37 4.73 -9.53
N ASP B 127 -14.64 3.97 -8.72
CA ASP B 127 -13.22 3.81 -8.93
C ASP B 127 -13.01 3.06 -10.23
N ASP B 128 -12.26 3.67 -11.13
CA ASP B 128 -12.09 3.13 -12.47
C ASP B 128 -11.34 1.80 -12.42
N VAL B 129 -12.03 0.73 -12.80
CA VAL B 129 -11.45 -0.59 -12.77
C VAL B 129 -10.84 -0.99 -14.11
N VAL B 130 -10.86 -0.09 -15.09
CA VAL B 130 -10.37 -0.43 -16.42
C VAL B 130 -8.86 -0.66 -16.36
N MET B 131 -8.37 -1.51 -17.25
CA MET B 131 -6.99 -1.95 -17.20
C MET B 131 -6.07 -0.83 -17.69
N GLY B 132 -5.13 -0.43 -16.84
CA GLY B 132 -4.25 0.67 -17.16
C GLY B 132 -2.98 0.24 -17.85
N THR B 133 -3.00 -0.95 -18.46
CA THR B 133 -1.90 -1.44 -19.27
C THR B 133 -2.32 -1.79 -20.68
N LEU B 134 -3.60 -1.82 -20.96
CA LEU B 134 -4.12 -2.11 -22.28
C LEU B 134 -4.53 -0.82 -22.96
N THR B 135 -4.74 -0.87 -24.27
CA THR B 135 -5.25 0.31 -24.93
C THR B 135 -6.78 0.35 -24.83
N VAL B 136 -7.36 1.42 -25.34
CA VAL B 136 -8.80 1.61 -25.31
C VAL B 136 -9.50 0.55 -26.16
N ARG B 137 -8.97 0.31 -27.36
CA ARG B 137 -9.61 -0.62 -28.27
C ARG B 137 -9.47 -2.05 -27.79
N GLU B 138 -8.39 -2.39 -27.10
CA GLU B 138 -8.29 -3.75 -26.58
C GLU B 138 -8.79 -3.89 -25.16
N ASN B 139 -9.29 -2.81 -24.54
CA ASN B 139 -10.26 -2.99 -23.46
C ASN B 139 -11.63 -3.32 -24.03
N LEU B 140 -12.06 -2.57 -25.04
CA LEU B 140 -13.39 -2.79 -25.57
C LEU B 140 -13.49 -4.09 -26.36
N GLN B 141 -12.38 -4.54 -26.96
CA GLN B 141 -12.38 -5.85 -27.62
C GLN B 141 -12.54 -6.97 -26.61
N PHE B 142 -11.92 -6.81 -25.44
CA PHE B 142 -12.06 -7.79 -24.37
C PHE B 142 -13.50 -7.85 -23.88
N SER B 143 -14.07 -6.69 -23.58
CA SER B 143 -15.45 -6.68 -23.09
C SER B 143 -16.43 -7.12 -24.16
N ALA B 144 -16.12 -6.87 -25.43
CA ALA B 144 -16.96 -7.36 -26.51
C ALA B 144 -16.92 -8.87 -26.60
N ALA B 145 -15.72 -9.44 -26.53
CA ALA B 145 -15.56 -10.88 -26.65
C ALA B 145 -16.14 -11.63 -25.48
N LEU B 146 -16.25 -10.99 -24.31
CA LEU B 146 -16.84 -11.70 -23.18
C LEU B 146 -18.27 -11.30 -22.85
N ARG B 147 -18.81 -10.23 -23.44
CA ARG B 147 -20.21 -9.89 -23.21
C ARG B 147 -21.10 -10.17 -24.40
N LEU B 148 -20.65 -9.84 -25.61
CA LEU B 148 -21.40 -10.23 -26.78
C LEU B 148 -21.27 -11.72 -27.01
N ALA B 149 -22.31 -12.31 -27.59
CA ALA B 149 -22.34 -13.76 -27.75
C ALA B 149 -21.36 -14.21 -28.83
N THR B 150 -20.91 -15.46 -28.70
CA THR B 150 -20.00 -16.05 -29.66
C THR B 150 -20.68 -16.42 -30.98
N THR B 151 -22.01 -16.35 -31.04
CA THR B 151 -22.72 -16.67 -32.26
C THR B 151 -22.47 -15.63 -33.35
N MET B 152 -22.26 -14.37 -32.96
CA MET B 152 -21.97 -13.34 -33.94
C MET B 152 -20.49 -13.37 -34.30
N THR B 153 -20.10 -12.51 -35.24
CA THR B 153 -18.76 -12.59 -35.82
C THR B 153 -17.88 -11.44 -35.35
N ASN B 154 -16.58 -11.64 -35.56
CA ASN B 154 -15.58 -10.64 -35.21
C ASN B 154 -15.74 -9.37 -36.04
N HIS B 155 -16.22 -9.51 -37.27
CA HIS B 155 -16.46 -8.37 -38.15
C HIS B 155 -17.54 -7.46 -37.57
N GLU B 156 -18.68 -8.04 -37.18
CA GLU B 156 -19.75 -7.29 -36.56
C GLU B 156 -19.34 -6.75 -35.20
N LYS B 157 -18.55 -7.53 -34.45
CA LYS B 157 -18.08 -7.09 -33.14
C LYS B 157 -17.16 -5.88 -33.25
N ASN B 158 -16.26 -5.87 -34.22
CA ASN B 158 -15.40 -4.71 -34.39
C ASN B 158 -16.15 -3.51 -34.94
N GLU B 159 -17.22 -3.75 -35.71
CA GLU B 159 -18.10 -2.63 -36.06
C GLU B 159 -18.79 -2.06 -34.83
N ARG B 160 -19.17 -2.91 -33.89
CA ARG B 160 -19.75 -2.41 -32.64
C ARG B 160 -18.73 -1.62 -31.83
N ILE B 161 -17.47 -2.07 -31.82
CA ILE B 161 -16.43 -1.38 -31.07
C ILE B 161 -16.15 -0.01 -31.65
N ASN B 162 -15.92 0.09 -32.97
CA ASN B 162 -15.64 1.42 -33.48
C ASN B 162 -16.88 2.29 -33.57
N ARG B 163 -18.09 1.69 -33.55
CA ARG B 163 -19.29 2.48 -33.38
C ARG B 163 -19.32 3.15 -32.01
N VAL B 164 -18.98 2.39 -30.96
CA VAL B 164 -18.93 2.95 -29.61
C VAL B 164 -17.78 3.96 -29.49
N ILE B 165 -16.68 3.75 -30.21
CA ILE B 165 -15.55 4.67 -30.16
C ILE B 165 -15.90 6.01 -30.81
N GLN B 166 -16.47 5.96 -32.02
CA GLN B 166 -16.89 7.18 -32.69
C GLN B 166 -18.07 7.85 -31.98
N GLU B 167 -18.88 7.08 -31.25
CA GLU B 167 -19.95 7.69 -30.47
C GLU B 167 -19.39 8.44 -29.26
N LEU B 168 -18.58 7.77 -28.45
CA LEU B 168 -18.08 8.42 -27.25
C LEU B 168 -16.96 9.40 -27.51
N GLY B 169 -16.44 9.48 -28.73
CA GLY B 169 -15.41 10.45 -29.03
C GLY B 169 -14.08 10.07 -28.44
N LEU B 170 -13.64 8.85 -28.73
CA LEU B 170 -12.39 8.33 -28.21
C LEU B 170 -11.36 8.10 -29.30
N ASP B 171 -11.60 8.59 -30.52
CA ASP B 171 -10.87 8.10 -31.68
C ASP B 171 -9.42 8.57 -31.67
N LYS B 172 -9.15 9.77 -31.17
CA LYS B 172 -7.76 10.23 -31.12
C LYS B 172 -6.97 9.59 -29.99
N VAL B 173 -7.63 8.86 -29.09
CA VAL B 173 -6.94 8.09 -28.06
C VAL B 173 -7.43 6.64 -28.10
N ALA B 174 -7.89 6.19 -29.27
CA ALA B 174 -8.42 4.85 -29.41
C ALA B 174 -7.35 3.78 -29.51
N ASP B 175 -6.07 4.14 -29.48
CA ASP B 175 -5.00 3.18 -29.44
C ASP B 175 -3.91 3.59 -28.45
N SER B 176 -4.13 4.62 -27.65
CA SER B 176 -3.18 4.90 -26.60
C SER B 176 -3.46 4.02 -25.40
N LYS B 177 -2.42 3.79 -24.61
CA LYS B 177 -2.57 2.99 -23.41
C LYS B 177 -3.39 3.76 -22.39
N VAL B 178 -4.42 3.12 -21.84
CA VAL B 178 -5.15 3.74 -20.74
C VAL B 178 -4.21 3.81 -19.55
N GLY B 179 -4.32 4.89 -18.78
CA GLY B 179 -3.51 4.99 -17.59
C GLY B 179 -4.38 4.94 -16.36
N THR B 180 -3.75 4.77 -15.20
CA THR B 180 -4.44 4.75 -13.91
C THR B 180 -3.72 5.66 -12.92
N GLN B 181 -3.18 6.77 -13.44
CA GLN B 181 -2.07 7.53 -12.83
C GLN B 181 -0.90 6.61 -12.47
N PHE B 182 -0.62 5.66 -13.35
CA PHE B 182 0.52 4.75 -13.28
C PHE B 182 1.45 4.89 -14.47
N ILE B 183 0.94 4.72 -15.69
CA ILE B 183 1.67 5.02 -16.92
C ILE B 183 0.74 5.86 -17.77
N ARG B 184 1.15 7.10 -18.06
CA ARG B 184 0.24 8.11 -18.58
C ARG B 184 0.12 7.98 -20.10
N GLY B 185 -1.07 7.57 -20.55
CA GLY B 185 -1.38 7.62 -21.97
C GLY B 185 -2.67 8.33 -22.30
N VAL B 186 -3.62 8.36 -21.36
CA VAL B 186 -4.87 9.08 -21.58
C VAL B 186 -5.07 10.09 -20.47
N SER B 187 -6.17 10.81 -20.51
CA SER B 187 -6.54 11.75 -19.47
C SER B 187 -7.28 11.00 -18.36
N GLY B 188 -7.91 11.73 -17.46
CA GLY B 188 -8.83 11.08 -16.54
C GLY B 188 -10.20 10.97 -17.17
N GLY B 189 -10.55 11.97 -17.96
CA GLY B 189 -11.87 11.99 -18.58
C GLY B 189 -12.02 10.93 -19.64
N GLU B 190 -10.97 10.71 -20.44
CA GLU B 190 -11.03 9.66 -21.44
C GLU B 190 -10.92 8.28 -20.79
N ARG B 191 -10.32 8.20 -19.60
CA ARG B 191 -10.35 6.96 -18.85
C ARG B 191 -11.76 6.63 -18.36
N LYS B 192 -12.47 7.64 -17.85
CA LYS B 192 -13.88 7.47 -17.50
C LYS B 192 -14.74 7.17 -18.72
N ARG B 193 -14.37 7.74 -19.87
CA ARG B 193 -15.08 7.42 -21.11
C ARG B 193 -14.85 5.96 -21.50
N THR B 194 -13.66 5.42 -21.24
CA THR B 194 -13.45 4.00 -21.48
C THR B 194 -14.26 3.14 -20.53
N SER B 195 -14.38 3.57 -19.27
CA SER B 195 -15.17 2.81 -18.33
C SER B 195 -16.65 2.85 -18.69
N ILE B 196 -17.11 3.94 -19.29
CA ILE B 196 -18.49 4.00 -19.79
C ILE B 196 -18.62 3.14 -21.03
N GLY B 197 -17.61 3.17 -21.91
CA GLY B 197 -17.68 2.45 -23.16
C GLY B 197 -17.61 0.94 -23.01
N MET B 198 -16.99 0.46 -21.92
CA MET B 198 -16.99 -0.98 -21.69
C MET B 198 -18.40 -1.49 -21.42
N GLU B 199 -19.18 -0.77 -20.62
CA GLU B 199 -20.56 -1.16 -20.35
C GLU B 199 -21.53 -0.50 -21.31
N LEU B 200 -21.20 -0.55 -22.58
CA LEU B 200 -22.11 -0.16 -23.64
C LEU B 200 -22.07 -1.14 -24.79
N ILE B 201 -21.15 -2.09 -24.77
CA ILE B 201 -20.97 -3.03 -25.87
C ILE B 201 -22.14 -3.99 -25.91
N THR B 202 -22.68 -4.34 -24.74
CA THR B 202 -23.80 -5.25 -24.62
C THR B 202 -25.12 -4.63 -24.99
N ASP B 203 -25.12 -3.35 -25.39
CA ASP B 203 -26.26 -2.50 -25.72
C ASP B 203 -27.26 -2.50 -24.58
N PRO B 204 -26.93 -1.92 -23.42
CA PRO B 204 -27.84 -2.00 -22.29
C PRO B 204 -28.99 -1.03 -22.46
N SER B 205 -30.19 -1.51 -22.22
CA SER B 205 -31.33 -0.61 -22.30
C SER B 205 -31.50 0.23 -21.05
N ILE B 206 -30.70 -0.02 -20.02
CA ILE B 206 -30.76 0.76 -18.79
C ILE B 206 -29.36 0.80 -18.17
N LEU B 207 -28.83 1.99 -18.00
CA LEU B 207 -27.42 2.17 -17.68
C LEU B 207 -27.27 2.83 -16.32
N PHE B 208 -26.44 2.26 -15.48
CA PHE B 208 -26.19 2.78 -14.13
C PHE B 208 -24.77 3.31 -14.08
N LEU B 209 -24.60 4.49 -13.52
CA LEU B 209 -23.28 4.99 -13.21
C LEU B 209 -23.14 4.92 -11.72
N ASP B 210 -22.03 5.42 -11.19
CA ASP B 210 -21.89 5.56 -9.74
C ASP B 210 -20.89 6.68 -9.51
N GLU B 211 -21.40 7.89 -9.31
CA GLU B 211 -20.64 9.13 -9.16
C GLU B 211 -19.66 9.30 -10.32
N PRO B 212 -20.13 9.64 -11.51
CA PRO B 212 -19.22 9.73 -12.65
C PRO B 212 -18.49 11.06 -12.76
N THR B 213 -18.45 11.82 -11.66
CA THR B 213 -17.79 13.11 -11.66
C THR B 213 -16.63 13.20 -10.69
N THR B 214 -16.61 12.40 -9.62
CA THR B 214 -15.67 12.64 -8.53
C THR B 214 -14.26 12.27 -8.93
N GLY B 215 -13.31 13.09 -8.52
CA GLY B 215 -11.94 12.93 -8.92
C GLY B 215 -11.59 13.54 -10.25
N LEU B 216 -12.51 14.26 -10.87
CA LEU B 216 -12.29 14.84 -12.19
C LEU B 216 -12.24 16.36 -12.12
N ASP B 217 -11.68 16.95 -13.17
CA ASP B 217 -11.79 18.38 -13.41
C ASP B 217 -13.24 18.73 -13.73
N SER B 218 -13.62 19.98 -13.47
CA SER B 218 -14.98 20.40 -13.74
C SER B 218 -15.27 20.48 -15.23
N SER B 219 -14.25 20.76 -16.03
CA SER B 219 -14.43 20.76 -17.49
C SER B 219 -14.70 19.35 -17.99
N THR B 220 -13.92 18.37 -17.52
CA THR B 220 -14.15 16.99 -17.89
C THR B 220 -15.47 16.47 -17.33
N ALA B 221 -15.88 16.94 -16.15
CA ALA B 221 -17.14 16.49 -15.57
C ALA B 221 -18.32 17.03 -16.35
N ASN B 222 -18.25 18.29 -16.76
CA ASN B 222 -19.30 18.85 -17.60
C ASN B 222 -19.32 18.20 -18.97
N ALA B 223 -18.14 17.83 -19.49
CA ALA B 223 -18.11 17.16 -20.79
C ALA B 223 -18.64 15.73 -20.70
N VAL B 224 -18.39 15.03 -19.59
CA VAL B 224 -18.89 13.67 -19.50
C VAL B 224 -20.39 13.66 -19.20
N LEU B 225 -20.92 14.67 -18.48
CA LEU B 225 -22.36 14.70 -18.32
C LEU B 225 -23.07 15.16 -19.59
N LEU B 226 -22.43 16.01 -20.39
CA LEU B 226 -22.95 16.29 -21.73
C LEU B 226 -22.88 15.05 -22.62
N LEU B 227 -21.88 14.19 -22.39
CA LEU B 227 -21.82 12.93 -23.12
C LEU B 227 -22.97 12.01 -22.72
N LEU B 228 -23.34 12.02 -21.45
CA LEU B 228 -24.48 11.21 -21.00
C LEU B 228 -25.78 11.74 -21.56
N LYS B 229 -25.96 13.06 -21.63
CA LYS B 229 -27.15 13.59 -22.27
C LYS B 229 -27.16 13.36 -23.76
N ARG B 230 -25.99 13.30 -24.40
CA ARG B 230 -25.96 12.97 -25.81
C ARG B 230 -26.36 11.51 -26.03
N MET B 231 -25.83 10.60 -25.23
CA MET B 231 -26.17 9.19 -25.39
C MET B 231 -27.52 8.82 -24.80
N SER B 232 -28.15 9.72 -24.05
CA SER B 232 -29.47 9.48 -23.50
C SER B 232 -30.59 9.77 -24.49
N LYS B 233 -30.28 10.36 -25.64
CA LYS B 233 -31.29 10.72 -26.62
C LYS B 233 -31.73 9.56 -27.49
N GLN B 234 -31.16 8.38 -27.28
CA GLN B 234 -31.62 7.17 -27.94
C GLN B 234 -32.59 6.38 -27.09
N GLY B 235 -33.12 6.99 -26.03
CA GLY B 235 -33.98 6.29 -25.10
C GLY B 235 -33.26 5.50 -24.04
N ARG B 236 -31.93 5.46 -24.07
CA ARG B 236 -31.15 4.71 -23.09
C ARG B 236 -31.22 5.42 -21.75
N THR B 237 -32.00 4.88 -20.82
CA THR B 237 -32.12 5.51 -19.52
C THR B 237 -30.84 5.38 -18.72
N ILE B 238 -30.46 6.48 -18.08
CA ILE B 238 -29.22 6.57 -17.32
C ILE B 238 -29.56 6.97 -15.90
N ILE B 239 -29.07 6.21 -14.93
CA ILE B 239 -29.38 6.42 -13.52
C ILE B 239 -28.05 6.55 -12.78
N PHE B 240 -27.85 7.64 -12.07
CA PHE B 240 -26.58 7.82 -11.38
C PHE B 240 -26.76 8.54 -10.06
N SER B 241 -25.77 8.36 -9.20
CA SER B 241 -25.56 9.20 -8.04
C SER B 241 -24.53 10.25 -8.38
N ILE B 242 -24.57 11.38 -7.67
CA ILE B 242 -23.57 12.44 -7.83
C ILE B 242 -23.21 12.97 -6.46
N HIS B 243 -21.91 13.11 -6.20
CA HIS B 243 -21.41 13.84 -5.04
C HIS B 243 -21.19 15.30 -5.44
N GLN B 244 -21.77 16.23 -4.65
CA GLN B 244 -21.74 17.70 -4.73
C GLN B 244 -21.86 18.25 -6.15
N PRO B 245 -23.03 18.20 -6.77
CA PRO B 245 -23.16 18.78 -8.11
C PRO B 245 -23.23 20.29 -8.06
N ARG B 246 -23.22 20.94 -9.22
CA ARG B 246 -23.35 22.39 -9.29
C ARG B 246 -24.51 22.74 -10.21
N TYR B 247 -24.85 24.02 -10.24
CA TYR B 247 -25.98 24.47 -11.04
C TYR B 247 -25.70 24.46 -12.54
N SER B 248 -24.44 24.28 -12.95
CA SER B 248 -24.15 24.03 -14.35
C SER B 248 -24.74 22.71 -14.79
N ILE B 249 -24.36 21.63 -14.09
CA ILE B 249 -24.96 20.31 -14.33
C ILE B 249 -26.15 20.18 -13.38
N PHE B 250 -27.23 20.87 -13.73
CA PHE B 250 -28.52 20.61 -13.11
C PHE B 250 -29.68 20.65 -14.07
N LYS B 251 -29.58 21.35 -15.20
CA LYS B 251 -30.63 21.36 -16.20
C LYS B 251 -30.64 20.08 -17.02
N LEU B 252 -29.60 19.27 -16.88
CA LEU B 252 -29.47 18.05 -17.66
C LEU B 252 -30.45 16.97 -17.20
N PHE B 253 -30.84 17.00 -15.94
CA PHE B 253 -31.53 15.87 -15.31
C PHE B 253 -32.99 15.80 -15.75
N ASP B 254 -33.39 14.63 -16.25
CA ASP B 254 -34.79 14.44 -16.62
C ASP B 254 -35.67 14.33 -15.38
N SER B 255 -35.30 13.46 -14.44
CA SER B 255 -35.93 13.39 -13.15
C SER B 255 -34.84 13.45 -12.10
N LEU B 256 -35.23 13.51 -10.83
CA LEU B 256 -34.25 13.70 -9.78
C LEU B 256 -34.76 13.09 -8.48
N THR B 257 -33.95 12.25 -7.86
CA THR B 257 -34.25 11.68 -6.56
C THR B 257 -33.28 12.28 -5.54
N LEU B 258 -33.66 12.30 -4.28
CA LEU B 258 -32.80 12.89 -3.26
C LEU B 258 -33.00 12.15 -1.95
N LEU B 259 -31.95 11.49 -1.46
CA LEU B 259 -32.02 10.74 -0.22
C LEU B 259 -31.17 11.41 0.84
N ALA B 260 -31.59 11.26 2.10
CA ALA B 260 -30.82 11.80 3.22
C ALA B 260 -31.00 10.85 4.40
N SER B 261 -29.89 10.21 4.81
CA SER B 261 -29.80 9.36 6.01
C SER B 261 -30.77 8.18 5.97
N GLY B 262 -31.13 7.72 4.78
CA GLY B 262 -32.02 6.62 4.61
C GLY B 262 -33.44 6.99 4.25
N ARG B 263 -33.83 8.23 4.49
CA ARG B 263 -35.17 8.68 4.14
C ARG B 263 -35.17 9.29 2.74
N LEU B 264 -36.34 9.25 2.10
CA LEU B 264 -36.51 9.88 0.81
C LEU B 264 -36.99 11.31 1.04
N MET B 265 -36.25 12.29 0.51
CA MET B 265 -36.64 13.68 0.64
C MET B 265 -37.39 14.22 -0.57
N PHE B 266 -37.03 13.80 -1.78
CA PHE B 266 -37.72 14.26 -2.96
C PHE B 266 -37.47 13.29 -4.11
N HIS B 267 -38.50 13.04 -4.91
CA HIS B 267 -38.35 12.33 -6.17
C HIS B 267 -39.30 12.93 -7.19
N GLY B 268 -38.76 13.71 -8.11
CA GLY B 268 -39.52 14.28 -9.19
C GLY B 268 -38.59 14.99 -10.15
N PRO B 269 -39.13 15.59 -11.20
CA PRO B 269 -38.28 16.29 -12.17
C PRO B 269 -37.63 17.53 -11.60
N ALA B 270 -36.51 17.90 -12.22
CA ALA B 270 -35.66 18.97 -11.72
C ALA B 270 -36.27 20.35 -11.91
N GLN B 271 -37.27 20.48 -12.78
CA GLN B 271 -37.91 21.77 -13.02
C GLN B 271 -38.84 22.18 -11.88
N GLU B 272 -39.26 21.23 -11.05
CA GLU B 272 -39.99 21.54 -9.84
C GLU B 272 -39.30 20.97 -8.61
N ALA B 273 -38.06 20.48 -8.76
CA ALA B 273 -37.23 20.17 -7.60
C ALA B 273 -37.00 21.38 -6.71
N LEU B 274 -36.83 22.56 -7.31
CA LEU B 274 -36.74 23.78 -6.50
C LEU B 274 -38.12 24.22 -6.02
N GLY B 275 -39.16 23.99 -6.82
CA GLY B 275 -40.49 24.44 -6.48
C GLY B 275 -41.11 23.70 -5.32
N TYR B 276 -40.66 22.45 -5.09
CA TYR B 276 -41.11 21.73 -3.90
C TYR B 276 -40.64 22.41 -2.63
N PHE B 277 -39.34 22.71 -2.54
CA PHE B 277 -38.81 23.36 -1.36
C PHE B 277 -39.22 24.83 -1.29
N GLU B 278 -39.55 25.44 -2.42
CA GLU B 278 -40.14 26.77 -2.42
C GLU B 278 -41.62 26.73 -2.06
N SER B 279 -42.24 25.55 -2.07
CA SER B 279 -43.58 25.39 -1.51
C SER B 279 -43.56 25.04 -0.03
N ALA B 280 -42.44 24.55 0.49
CA ALA B 280 -42.35 24.09 1.87
C ALA B 280 -41.90 25.20 2.82
N GLY B 281 -41.91 26.45 2.37
CA GLY B 281 -41.62 27.59 3.23
C GLY B 281 -40.20 28.10 3.17
N TYR B 282 -39.29 27.35 2.56
CA TYR B 282 -37.91 27.80 2.41
C TYR B 282 -37.81 28.78 1.25
N HIS B 283 -36.76 29.61 1.28
CA HIS B 283 -36.50 30.56 0.22
C HIS B 283 -35.11 30.31 -0.36
N CYS B 284 -35.04 30.12 -1.67
CA CYS B 284 -33.75 30.06 -2.35
C CYS B 284 -33.15 31.46 -2.39
N GLU B 285 -31.98 31.61 -1.77
CA GLU B 285 -31.35 32.92 -1.64
C GLU B 285 -30.78 33.39 -2.98
N ALA B 286 -30.46 34.67 -3.05
CA ALA B 286 -30.03 35.29 -4.31
C ALA B 286 -28.61 34.85 -4.65
N TYR B 287 -28.45 34.39 -5.89
CA TYR B 287 -27.19 33.85 -6.44
C TYR B 287 -26.65 32.72 -5.58
N ASN B 288 -27.53 31.79 -5.21
CA ASN B 288 -27.19 30.66 -4.36
C ASN B 288 -27.40 29.37 -5.14
N ASN B 289 -26.51 28.40 -4.96
CA ASN B 289 -26.58 27.15 -5.70
C ASN B 289 -27.77 26.33 -5.19
N PRO B 290 -28.69 25.92 -6.07
CA PRO B 290 -29.84 25.13 -5.60
C PRO B 290 -29.48 23.72 -5.19
N ALA B 291 -28.53 23.09 -5.91
CA ALA B 291 -28.15 21.72 -5.57
C ALA B 291 -27.39 21.67 -4.26
N ASP B 292 -26.58 22.69 -4.00
CA ASP B 292 -25.94 22.81 -2.70
C ASP B 292 -26.95 23.22 -1.64
N PHE B 293 -27.95 24.02 -2.03
CA PHE B 293 -29.01 24.44 -1.12
C PHE B 293 -29.87 23.27 -0.67
N PHE B 294 -29.98 22.23 -1.51
CA PHE B 294 -30.65 21.00 -1.10
C PHE B 294 -29.92 20.34 0.06
N LEU B 295 -28.60 20.45 0.10
CA LEU B 295 -27.84 19.95 1.24
C LEU B 295 -27.89 20.92 2.41
N ASP B 296 -27.89 22.22 2.14
CA ASP B 296 -28.01 23.20 3.22
C ASP B 296 -29.37 23.15 3.92
N ILE B 297 -30.39 22.61 3.27
CA ILE B 297 -31.65 22.38 3.96
C ILE B 297 -31.51 21.21 4.94
N ILE B 298 -30.84 20.14 4.53
CA ILE B 298 -30.85 18.91 5.32
C ILE B 298 -29.65 18.77 6.25
N ASN B 299 -28.74 19.75 6.30
CA ASN B 299 -27.71 19.67 7.33
C ASN B 299 -28.07 20.41 8.61
N GLY B 300 -29.33 20.84 8.75
CA GLY B 300 -29.75 21.61 9.90
C GLY B 300 -29.46 23.09 9.81
N ASP B 301 -28.92 23.55 8.68
CA ASP B 301 -28.53 24.95 8.40
C ASP B 301 -27.54 25.46 9.43
N LEU B 328 -35.18 16.70 13.54
CA LEU B 328 -35.42 17.58 12.40
C LEU B 328 -35.80 16.83 11.14
N ILE B 329 -34.96 15.86 10.77
CA ILE B 329 -35.09 15.20 9.46
C ILE B 329 -36.33 14.32 9.42
N GLU B 330 -36.84 13.90 10.58
CA GLU B 330 -38.11 13.20 10.63
C GLU B 330 -39.27 14.10 10.26
N LYS B 331 -39.16 15.40 10.57
CA LYS B 331 -40.16 16.40 10.21
C LYS B 331 -39.95 16.92 8.79
N LEU B 332 -38.71 16.86 8.29
CA LEU B 332 -38.45 17.23 6.90
C LEU B 332 -38.82 16.13 5.92
N ALA B 333 -38.84 14.87 6.36
CA ALA B 333 -39.13 13.78 5.44
C ALA B 333 -40.62 13.70 5.14
N GLU B 334 -41.47 13.99 6.12
CA GLU B 334 -42.90 13.77 5.97
C GLU B 334 -43.58 14.77 5.04
N ILE B 335 -42.91 15.89 4.74
CA ILE B 335 -43.45 16.85 3.79
C ILE B 335 -43.52 16.25 2.40
N TYR B 336 -42.57 15.37 2.06
CA TYR B 336 -42.69 14.64 0.82
C TYR B 336 -43.72 13.52 0.92
N VAL B 337 -44.00 13.04 2.13
CA VAL B 337 -45.03 12.01 2.28
C VAL B 337 -46.41 12.58 2.02
N ASN B 338 -46.67 13.80 2.49
CA ASN B 338 -47.95 14.45 2.19
C ASN B 338 -47.85 15.42 1.02
N SER B 339 -46.91 15.22 0.10
CA SER B 339 -46.76 16.10 -1.04
C SER B 339 -47.72 15.68 -2.15
N SER B 340 -47.61 16.36 -3.30
CA SER B 340 -48.44 16.00 -4.45
C SER B 340 -47.79 14.93 -5.31
N PHE B 341 -46.46 14.91 -5.38
CA PHE B 341 -45.76 13.91 -6.18
C PHE B 341 -45.73 12.55 -5.52
N TYR B 342 -45.93 12.49 -4.20
CA TYR B 342 -46.12 11.21 -3.52
C TYR B 342 -47.36 10.50 -4.05
N LYS B 343 -48.49 11.23 -4.10
CA LYS B 343 -49.74 10.64 -4.56
C LYS B 343 -49.71 10.36 -6.06
N GLU B 344 -49.14 11.28 -6.85
CA GLU B 344 -49.07 11.07 -8.29
C GLU B 344 -48.11 9.94 -8.65
N THR B 345 -47.06 9.76 -7.85
CA THR B 345 -46.16 8.62 -8.06
C THR B 345 -46.85 7.33 -7.68
N LYS B 346 -47.55 7.30 -6.54
CA LYS B 346 -48.20 6.08 -6.09
C LYS B 346 -49.37 5.68 -7.00
N ALA B 347 -50.01 6.66 -7.65
CA ALA B 347 -51.12 6.35 -8.56
C ALA B 347 -50.65 5.59 -9.78
N GLU B 348 -49.46 5.89 -10.30
CA GLU B 348 -48.88 5.12 -11.39
C GLU B 348 -48.19 3.88 -10.89
N LEU B 349 -47.67 3.92 -9.65
CA LEU B 349 -46.93 2.80 -9.11
C LEU B 349 -47.85 1.64 -8.77
N HIS B 350 -49.04 1.93 -8.26
CA HIS B 350 -50.00 0.86 -8.03
C HIS B 350 -50.62 0.36 -9.34
N GLN B 351 -50.65 1.19 -10.38
CA GLN B 351 -51.04 0.72 -11.69
C GLN B 351 -49.98 -0.21 -12.30
N LEU B 352 -48.71 0.04 -12.00
CA LEU B 352 -47.66 -0.87 -12.46
C LEU B 352 -47.64 -2.15 -11.65
N SER B 353 -47.82 -2.06 -10.33
CA SER B 353 -47.80 -3.25 -9.49
C SER B 353 -49.10 -4.04 -9.53
N GLY B 354 -50.17 -3.46 -10.07
CA GLY B 354 -51.43 -4.18 -10.22
C GLY B 354 -52.27 -3.70 -11.38
N THR B 370 -24.49 -18.49 -22.09
CA THR B 370 -23.57 -17.38 -21.87
C THR B 370 -22.46 -17.40 -22.92
N THR B 371 -21.28 -17.85 -22.49
CA THR B 371 -20.11 -17.99 -23.33
C THR B 371 -19.37 -19.23 -22.86
N SER B 372 -18.71 -19.92 -23.79
CA SER B 372 -18.06 -21.18 -23.49
C SER B 372 -16.87 -20.97 -22.56
N PHE B 373 -16.55 -22.03 -21.80
CA PHE B 373 -15.51 -21.97 -20.79
C PHE B 373 -14.13 -21.74 -21.39
N CYS B 374 -13.86 -22.40 -22.52
CA CYS B 374 -12.59 -22.20 -23.21
C CYS B 374 -12.45 -20.77 -23.70
N HIS B 375 -13.55 -20.13 -24.07
CA HIS B 375 -13.47 -18.76 -24.57
C HIS B 375 -13.13 -17.79 -23.45
N GLN B 376 -13.76 -17.96 -22.28
CA GLN B 376 -13.47 -17.08 -21.16
C GLN B 376 -12.05 -17.30 -20.64
N LEU B 377 -11.59 -18.55 -20.65
CA LEU B 377 -10.21 -18.83 -20.25
C LEU B 377 -9.21 -18.24 -21.23
N ARG B 378 -9.48 -18.39 -22.52
CA ARG B 378 -8.58 -17.91 -23.55
C ARG B 378 -8.57 -16.39 -23.65
N TRP B 379 -9.61 -15.71 -23.18
CA TRP B 379 -9.57 -14.26 -23.21
C TRP B 379 -9.02 -13.66 -21.93
N VAL B 380 -9.26 -14.31 -20.79
CA VAL B 380 -8.65 -13.85 -19.55
C VAL B 380 -7.13 -14.05 -19.58
N SER B 381 -6.67 -15.17 -20.15
CA SER B 381 -5.24 -15.40 -20.24
C SER B 381 -4.56 -14.45 -21.21
N LYS B 382 -5.25 -14.11 -22.31
CA LYS B 382 -4.71 -13.13 -23.24
C LYS B 382 -4.63 -11.75 -22.61
N ARG B 383 -5.66 -11.36 -21.86
CA ARG B 383 -5.64 -10.07 -21.17
C ARG B 383 -4.51 -10.01 -20.15
N SER B 384 -4.26 -11.10 -19.45
CA SER B 384 -3.21 -11.09 -18.43
C SER B 384 -1.82 -11.17 -19.04
N PHE B 385 -1.66 -11.85 -20.18
CA PHE B 385 -0.40 -11.77 -20.91
C PHE B 385 -0.12 -10.36 -21.37
N LYS B 386 -1.13 -9.66 -21.87
CA LYS B 386 -0.88 -8.29 -22.35
C LYS B 386 -0.62 -7.34 -21.19
N ASN B 387 -1.26 -7.58 -20.05
CA ASN B 387 -0.96 -6.81 -18.85
C ASN B 387 0.46 -7.09 -18.36
N LEU B 388 0.93 -8.32 -18.51
CA LEU B 388 2.28 -8.64 -18.07
C LEU B 388 3.33 -8.05 -19.00
N LEU B 389 3.03 -7.95 -20.29
CA LEU B 389 3.93 -7.21 -21.17
C LEU B 389 3.86 -5.72 -20.89
N GLY B 390 2.71 -5.24 -20.41
CA GLY B 390 2.61 -3.83 -20.09
C GLY B 390 3.42 -3.43 -18.87
N ASN B 391 3.46 -4.29 -17.85
CA ASN B 391 4.27 -4.04 -16.65
C ASN B 391 5.31 -5.15 -16.46
N PRO B 392 6.36 -5.19 -17.28
CA PRO B 392 7.41 -6.20 -17.11
C PRO B 392 8.52 -5.74 -16.20
N GLN B 393 8.17 -5.26 -15.01
CA GLN B 393 9.18 -4.79 -14.08
C GLN B 393 9.39 -5.72 -12.91
N ALA B 394 8.37 -6.45 -12.50
CA ALA B 394 8.53 -7.46 -11.47
C ALA B 394 8.83 -8.83 -12.06
N SER B 395 8.86 -8.95 -13.38
CA SER B 395 9.17 -10.20 -14.05
C SER B 395 10.58 -10.24 -14.61
N ILE B 396 11.05 -9.15 -15.22
CA ILE B 396 12.44 -9.13 -15.63
C ILE B 396 13.36 -8.98 -14.43
N ALA B 397 12.85 -8.50 -13.30
CA ALA B 397 13.63 -8.54 -12.07
C ALA B 397 13.84 -9.98 -11.61
N GLN B 398 12.80 -10.80 -11.72
CA GLN B 398 12.92 -12.20 -11.35
C GLN B 398 13.81 -12.97 -12.33
N ILE B 399 13.75 -12.61 -13.60
CA ILE B 399 14.63 -13.23 -14.59
C ILE B 399 16.08 -12.83 -14.35
N ILE B 400 16.32 -11.57 -14.00
CA ILE B 400 17.68 -11.09 -13.73
C ILE B 400 18.26 -11.76 -12.50
N VAL B 401 17.47 -11.85 -11.43
CA VAL B 401 17.96 -12.49 -10.21
C VAL B 401 18.14 -14.00 -10.44
N THR B 402 17.32 -14.61 -11.30
CA THR B 402 17.49 -16.03 -11.57
C THR B 402 18.75 -16.28 -12.39
N VAL B 403 19.10 -15.40 -13.32
CA VAL B 403 20.36 -15.54 -14.05
C VAL B 403 21.55 -15.34 -13.13
N VAL B 404 21.49 -14.34 -12.25
CA VAL B 404 22.60 -14.06 -11.34
C VAL B 404 22.78 -15.21 -10.34
N LEU B 405 21.68 -15.76 -9.84
CA LEU B 405 21.76 -16.90 -8.92
C LEU B 405 22.22 -18.15 -9.65
N GLY B 406 21.84 -18.32 -10.91
CA GLY B 406 22.33 -19.45 -11.67
C GLY B 406 23.82 -19.39 -11.92
N LEU B 407 24.33 -18.20 -12.22
CA LEU B 407 25.77 -18.03 -12.41
C LEU B 407 26.53 -18.24 -11.11
N VAL B 408 26.00 -17.75 -9.98
CA VAL B 408 26.70 -17.88 -8.71
C VAL B 408 26.72 -19.35 -8.26
N ILE B 409 25.57 -20.02 -8.30
CA ILE B 409 25.53 -21.42 -7.88
C ILE B 409 26.26 -22.33 -8.87
N GLY B 410 26.32 -21.99 -10.15
CA GLY B 410 27.14 -22.75 -11.07
C GLY B 410 28.61 -22.56 -10.81
N ALA B 411 29.03 -21.33 -10.50
CA ALA B 411 30.44 -21.07 -10.22
C ALA B 411 30.88 -21.73 -8.92
N ILE B 412 29.98 -21.82 -7.94
CA ILE B 412 30.30 -22.51 -6.71
C ILE B 412 30.31 -24.02 -6.94
N TYR B 413 29.39 -24.52 -7.76
CA TYR B 413 29.32 -25.92 -8.11
C TYR B 413 30.33 -26.33 -9.17
N PHE B 414 30.96 -25.39 -9.86
CA PHE B 414 32.00 -25.77 -10.81
C PHE B 414 33.26 -26.25 -10.09
N GLY B 415 33.44 -25.83 -8.85
CA GLY B 415 34.52 -26.29 -8.02
C GLY B 415 34.28 -27.59 -7.29
N LEU B 416 33.31 -28.39 -7.71
CA LEU B 416 33.00 -29.66 -7.08
C LEU B 416 33.23 -30.78 -8.09
N LYS B 417 34.10 -31.72 -7.73
CA LYS B 417 34.49 -32.85 -8.57
C LYS B 417 34.17 -34.15 -7.84
N ASN B 418 34.68 -35.26 -8.40
CA ASN B 418 34.63 -36.56 -7.74
C ASN B 418 35.83 -36.71 -6.81
N ASP B 419 35.89 -35.85 -5.80
CA ASP B 419 37.05 -35.75 -4.93
C ASP B 419 36.63 -35.94 -3.46
N SER B 420 37.60 -35.74 -2.57
CA SER B 420 37.36 -35.93 -1.14
C SER B 420 36.56 -34.78 -0.54
N THR B 421 36.69 -33.59 -1.12
CA THR B 421 35.89 -32.42 -0.71
C THR B 421 34.56 -32.46 -1.45
N GLY B 422 33.78 -33.49 -1.13
CA GLY B 422 32.71 -33.95 -1.99
C GLY B 422 31.30 -33.80 -1.46
N ILE B 423 30.80 -34.88 -0.87
CA ILE B 423 29.37 -35.13 -0.68
C ILE B 423 28.73 -34.09 0.24
N GLN B 424 29.48 -33.58 1.21
CA GLN B 424 28.87 -32.65 2.17
C GLN B 424 28.59 -31.29 1.55
N ASN B 425 29.36 -30.87 0.55
CA ASN B 425 29.05 -29.65 -0.19
C ASN B 425 28.22 -29.93 -1.43
N ARG B 426 28.32 -31.14 -1.97
CA ARG B 426 27.43 -31.58 -3.05
C ARG B 426 25.99 -31.68 -2.59
N ALA B 427 25.77 -31.89 -1.30
CA ALA B 427 24.44 -31.83 -0.72
C ALA B 427 24.06 -30.41 -0.32
N GLY B 428 24.95 -29.44 -0.49
CA GLY B 428 24.58 -28.08 -0.22
C GLY B 428 24.17 -27.41 -1.51
N VAL B 429 24.87 -27.77 -2.58
CA VAL B 429 24.50 -27.19 -3.86
C VAL B 429 23.17 -27.75 -4.37
N LEU B 430 22.79 -28.95 -3.93
CA LEU B 430 21.47 -29.45 -4.28
C LEU B 430 20.39 -28.70 -3.53
N PHE B 431 20.67 -28.28 -2.30
CA PHE B 431 19.72 -27.45 -1.58
C PHE B 431 19.59 -26.08 -2.19
N PHE B 432 20.69 -25.54 -2.71
CA PHE B 432 20.60 -24.27 -3.43
C PHE B 432 19.79 -24.41 -4.70
N LEU B 433 19.97 -25.52 -5.41
CA LEU B 433 19.20 -25.77 -6.62
C LEU B 433 17.71 -25.90 -6.30
N THR B 434 17.39 -26.55 -5.19
CA THR B 434 15.99 -26.67 -4.79
C THR B 434 15.38 -25.33 -4.43
N THR B 435 16.01 -24.58 -3.54
CA THR B 435 15.42 -23.37 -3.02
C THR B 435 15.88 -22.12 -3.74
N ASN B 436 16.32 -22.25 -4.99
CA ASN B 436 16.71 -21.06 -5.75
C ASN B 436 15.54 -20.14 -6.06
N GLN B 437 14.31 -20.64 -6.00
CA GLN B 437 13.15 -19.81 -6.23
C GLN B 437 12.42 -19.47 -4.95
N CYS B 438 13.15 -19.33 -3.84
CA CYS B 438 12.48 -18.92 -2.62
C CYS B 438 12.15 -17.44 -2.65
N PHE B 439 12.91 -16.65 -3.41
CA PHE B 439 12.65 -15.22 -3.47
C PHE B 439 11.42 -14.91 -4.30
N SER B 440 11.12 -15.72 -5.29
CA SER B 440 10.04 -15.43 -6.22
C SER B 440 8.68 -15.87 -5.71
N SER B 441 8.60 -16.41 -4.50
CA SER B 441 7.30 -16.85 -3.99
C SER B 441 6.41 -15.67 -3.66
N VAL B 442 6.97 -14.56 -3.18
CA VAL B 442 6.16 -13.41 -2.85
C VAL B 442 5.72 -12.63 -4.09
N SER B 443 6.26 -12.95 -5.26
CA SER B 443 5.82 -12.26 -6.46
C SER B 443 4.43 -12.69 -6.91
N ALA B 444 3.91 -13.79 -6.38
CA ALA B 444 2.55 -14.21 -6.66
C ALA B 444 1.67 -14.11 -5.44
N VAL B 445 1.93 -13.14 -4.57
CA VAL B 445 1.07 -12.95 -3.40
C VAL B 445 -0.08 -12.03 -3.73
N GLU B 446 -0.04 -11.33 -4.86
CA GLU B 446 -0.96 -10.25 -5.16
C GLU B 446 -1.81 -10.54 -6.39
N LEU B 447 -1.80 -11.79 -6.86
CA LEU B 447 -2.30 -12.13 -8.19
C LEU B 447 -3.80 -11.92 -8.30
N PHE B 448 -4.56 -12.19 -7.24
CA PHE B 448 -5.97 -11.88 -7.21
C PHE B 448 -6.30 -10.80 -6.21
N VAL B 449 -5.29 -10.05 -5.77
CA VAL B 449 -5.47 -9.00 -4.78
C VAL B 449 -5.32 -7.62 -5.41
N VAL B 450 -4.45 -7.49 -6.41
CA VAL B 450 -4.30 -6.19 -7.04
C VAL B 450 -5.53 -5.87 -7.90
N GLU B 451 -6.03 -6.84 -8.66
CA GLU B 451 -7.30 -6.72 -9.37
C GLU B 451 -8.36 -7.56 -8.66
N LYS B 452 -8.87 -7.07 -7.54
CA LYS B 452 -10.07 -7.68 -6.98
C LYS B 452 -11.29 -6.79 -7.08
N LYS B 453 -11.12 -5.47 -7.13
CA LYS B 453 -12.24 -4.60 -7.44
C LYS B 453 -12.65 -4.74 -8.88
N LEU B 454 -11.72 -5.15 -9.73
CA LEU B 454 -12.06 -5.48 -11.11
C LEU B 454 -12.69 -6.86 -11.21
N PHE B 455 -12.22 -7.80 -10.39
CA PHE B 455 -12.75 -9.17 -10.46
C PHE B 455 -14.18 -9.23 -9.95
N ILE B 456 -14.49 -8.53 -8.86
CA ILE B 456 -15.84 -8.53 -8.31
C ILE B 456 -16.82 -7.93 -9.31
N HIS B 457 -16.42 -6.83 -9.95
CA HIS B 457 -17.27 -6.17 -10.92
C HIS B 457 -17.46 -6.99 -12.17
N GLU B 458 -16.39 -7.59 -12.69
CA GLU B 458 -16.53 -8.40 -13.88
C GLU B 458 -17.20 -9.72 -13.62
N TYR B 459 -17.14 -10.24 -12.40
CA TYR B 459 -17.88 -11.47 -12.14
C TYR B 459 -19.36 -11.17 -12.04
N ILE B 460 -19.74 -10.22 -11.19
CA ILE B 460 -21.17 -10.00 -11.02
C ILE B 460 -21.79 -9.19 -12.14
N SER B 461 -21.00 -8.74 -13.11
CA SER B 461 -21.56 -8.30 -14.38
C SER B 461 -21.60 -9.42 -15.41
N GLY B 462 -21.26 -10.64 -15.02
CA GLY B 462 -21.45 -11.78 -15.89
C GLY B 462 -20.46 -11.92 -17.03
N TYR B 463 -19.20 -11.56 -16.81
CA TYR B 463 -18.19 -11.77 -17.85
C TYR B 463 -17.77 -13.23 -17.90
N TYR B 464 -17.34 -13.77 -16.76
CA TYR B 464 -16.80 -15.12 -16.70
C TYR B 464 -17.22 -15.79 -15.40
N ARG B 465 -16.82 -17.04 -15.27
CA ARG B 465 -17.00 -17.77 -14.04
C ARG B 465 -15.81 -17.55 -13.11
N VAL B 466 -15.98 -17.91 -11.84
CA VAL B 466 -14.88 -17.79 -10.89
C VAL B 466 -13.78 -18.76 -11.23
N SER B 467 -14.14 -19.99 -11.59
CA SER B 467 -13.15 -20.99 -11.99
C SER B 467 -12.47 -20.61 -13.28
N SER B 468 -13.18 -19.97 -14.19
CA SER B 468 -12.56 -19.56 -15.45
C SER B 468 -11.57 -18.44 -15.25
N TYR B 469 -11.93 -17.43 -14.45
CA TYR B 469 -10.98 -16.37 -14.12
C TYR B 469 -9.78 -16.91 -13.39
N PHE B 470 -10.01 -17.87 -12.48
CA PHE B 470 -8.95 -18.47 -11.69
C PHE B 470 -7.95 -19.22 -12.57
N LEU B 471 -8.45 -20.09 -13.43
CA LEU B 471 -7.57 -20.87 -14.30
C LEU B 471 -6.90 -19.98 -15.34
N GLY B 472 -7.62 -19.00 -15.87
CA GLY B 472 -7.01 -18.11 -16.84
C GLY B 472 -5.96 -17.19 -16.24
N LYS B 473 -6.05 -16.91 -14.95
CA LYS B 473 -5.02 -16.10 -14.32
C LYS B 473 -3.81 -16.91 -13.91
N LEU B 474 -4.03 -18.09 -13.34
CA LEU B 474 -2.87 -18.88 -12.96
C LEU B 474 -2.36 -19.75 -14.10
N LEU B 475 -2.90 -19.62 -15.29
CA LEU B 475 -2.21 -20.07 -16.49
C LEU B 475 -1.40 -18.94 -17.09
N SER B 476 -1.56 -17.73 -16.59
CA SER B 476 -0.79 -16.59 -17.04
C SER B 476 0.33 -16.19 -16.10
N ASP B 477 0.27 -16.60 -14.83
CA ASP B 477 1.48 -16.44 -14.04
C ASP B 477 2.42 -17.63 -14.16
N LEU B 478 1.88 -18.77 -14.61
CA LEU B 478 2.62 -20.02 -14.55
C LEU B 478 3.68 -20.08 -15.63
N LEU B 479 3.34 -19.65 -16.84
CA LEU B 479 4.32 -19.75 -17.92
C LEU B 479 5.49 -18.77 -17.77
N PRO B 480 5.32 -17.46 -17.60
CA PRO B 480 6.50 -16.59 -17.60
C PRO B 480 7.09 -16.28 -16.23
N MET B 481 6.54 -16.81 -15.14
CA MET B 481 7.05 -16.48 -13.83
C MET B 481 7.25 -17.69 -12.94
N ARG B 482 6.85 -18.88 -13.38
CA ARG B 482 7.06 -20.11 -12.63
C ARG B 482 7.79 -21.17 -13.41
N MET B 483 7.46 -21.35 -14.69
CA MET B 483 8.12 -22.33 -15.52
C MET B 483 9.35 -21.77 -16.21
N LEU B 484 9.30 -20.52 -16.63
CA LEU B 484 10.43 -19.93 -17.35
C LEU B 484 11.70 -19.74 -16.51
N PRO B 485 11.66 -19.26 -15.25
CA PRO B 485 12.92 -19.18 -14.50
C PRO B 485 13.51 -20.53 -14.15
N SER B 486 12.71 -21.59 -14.01
CA SER B 486 13.32 -22.90 -13.82
C SER B 486 13.98 -23.42 -15.08
N ILE B 487 13.42 -23.09 -16.25
CA ILE B 487 14.07 -23.38 -17.54
C ILE B 487 15.43 -22.70 -17.60
N ILE B 488 15.47 -21.38 -17.38
CA ILE B 488 16.74 -20.69 -17.59
C ILE B 488 17.70 -20.94 -16.45
N PHE B 489 17.21 -21.29 -15.26
CA PHE B 489 18.12 -21.66 -14.18
C PHE B 489 18.76 -23.01 -14.45
N THR B 490 18.00 -23.97 -14.97
CA THR B 490 18.58 -25.26 -15.26
C THR B 490 19.53 -25.19 -16.45
N CYS B 491 19.19 -24.40 -17.47
CA CYS B 491 20.10 -24.25 -18.60
C CYS B 491 21.29 -23.36 -18.31
N ILE B 492 21.27 -22.59 -17.21
CA ILE B 492 22.48 -21.87 -16.81
C ILE B 492 23.33 -22.74 -15.92
N VAL B 493 22.71 -23.53 -15.05
CA VAL B 493 23.46 -24.41 -14.15
C VAL B 493 24.18 -25.49 -14.93
N TYR B 494 23.48 -26.15 -15.87
CA TYR B 494 24.16 -27.19 -16.64
C TYR B 494 25.05 -26.65 -17.75
N PHE B 495 24.98 -25.37 -18.08
CA PHE B 495 25.97 -24.79 -18.99
C PHE B 495 27.33 -24.70 -18.32
N MET B 496 27.36 -24.52 -17.00
CA MET B 496 28.59 -24.43 -16.23
C MET B 496 28.96 -25.77 -15.60
N LEU B 497 28.66 -26.86 -16.30
CA LEU B 497 28.67 -28.18 -15.69
C LEU B 497 28.89 -29.32 -16.68
N GLY B 498 28.31 -30.48 -16.33
CA GLY B 498 28.47 -31.78 -16.90
C GLY B 498 28.87 -32.74 -15.79
N LEU B 499 27.87 -33.50 -15.33
CA LEU B 499 27.99 -34.43 -14.21
C LEU B 499 27.45 -35.82 -14.54
N LYS B 500 26.34 -35.88 -15.27
CA LYS B 500 25.71 -37.13 -15.68
C LYS B 500 25.11 -36.85 -17.05
N PRO B 501 25.81 -37.14 -18.14
CA PRO B 501 25.27 -36.83 -19.46
C PRO B 501 24.19 -37.81 -19.85
N LYS B 502 22.93 -37.40 -19.68
CA LYS B 502 21.81 -38.31 -19.88
C LYS B 502 20.73 -37.69 -20.75
N ALA B 503 20.59 -36.37 -20.64
CA ALA B 503 19.43 -35.58 -21.11
C ALA B 503 18.10 -36.09 -20.54
N ASP B 504 18.14 -36.76 -19.40
CA ASP B 504 16.98 -37.13 -18.61
C ASP B 504 17.10 -36.68 -17.17
N ALA B 505 18.33 -36.63 -16.64
CA ALA B 505 18.58 -35.93 -15.40
C ALA B 505 18.24 -34.44 -15.53
N PHE B 506 18.49 -33.88 -16.71
CA PHE B 506 18.05 -32.52 -17.02
C PHE B 506 16.54 -32.39 -16.90
N PHE B 507 15.80 -33.33 -17.47
CA PHE B 507 14.34 -33.20 -17.49
C PHE B 507 13.75 -33.43 -16.11
N VAL B 508 14.28 -34.39 -15.36
CA VAL B 508 13.72 -34.63 -14.04
C VAL B 508 14.14 -33.53 -13.06
N MET B 509 15.31 -32.92 -13.27
CA MET B 509 15.70 -31.78 -12.45
C MET B 509 14.84 -30.57 -12.78
N MET B 510 14.57 -30.34 -14.06
CA MET B 510 13.77 -29.20 -14.47
C MET B 510 12.33 -29.34 -14.00
N PHE B 511 11.80 -30.56 -14.04
CA PHE B 511 10.46 -30.80 -13.51
C PHE B 511 10.43 -30.65 -12.00
N THR B 512 11.48 -31.06 -11.31
CA THR B 512 11.51 -30.91 -9.85
C THR B 512 11.59 -29.45 -9.46
N LEU B 513 12.38 -28.66 -10.18
CA LEU B 513 12.47 -27.24 -9.85
C LEU B 513 11.16 -26.52 -10.19
N MET B 514 10.50 -26.93 -11.27
CA MET B 514 9.18 -26.37 -11.59
C MET B 514 8.16 -26.71 -10.51
N MET B 515 8.18 -27.94 -10.01
CA MET B 515 7.21 -28.34 -9.00
C MET B 515 7.46 -27.64 -7.67
N VAL B 516 8.74 -27.49 -7.29
CA VAL B 516 9.06 -26.81 -6.04
C VAL B 516 8.72 -25.32 -6.12
N ALA B 517 9.06 -24.68 -7.25
CA ALA B 517 8.76 -23.26 -7.41
C ALA B 517 7.28 -23.00 -7.46
N TYR B 518 6.54 -23.80 -8.23
CA TYR B 518 5.10 -23.58 -8.34
C TYR B 518 4.39 -23.96 -7.05
N SER B 519 4.92 -24.91 -6.28
CA SER B 519 4.29 -25.27 -5.02
C SER B 519 4.50 -24.19 -3.96
N ALA B 520 5.71 -23.63 -3.87
CA ALA B 520 5.93 -22.53 -2.93
C ALA B 520 5.16 -21.29 -3.33
N SER B 521 5.02 -21.05 -4.63
CA SER B 521 4.26 -19.89 -5.08
C SER B 521 2.77 -20.06 -4.83
N SER B 522 2.24 -21.28 -4.99
CA SER B 522 0.85 -21.50 -4.67
C SER B 522 0.60 -21.45 -3.17
N MET B 523 1.59 -21.83 -2.36
CA MET B 523 1.50 -21.63 -0.92
C MET B 523 1.42 -20.14 -0.60
N ALA B 524 2.20 -19.32 -1.30
CA ALA B 524 2.10 -17.88 -1.07
C ALA B 524 0.80 -17.29 -1.59
N LEU B 525 0.17 -17.94 -2.58
CA LEU B 525 -1.20 -17.54 -2.96
C LEU B 525 -2.20 -17.85 -1.86
N ALA B 526 -2.15 -19.06 -1.34
CA ALA B 526 -3.19 -19.50 -0.42
C ALA B 526 -3.03 -18.86 0.95
N ILE B 527 -1.83 -18.94 1.53
CA ILE B 527 -1.64 -18.61 2.93
C ILE B 527 -1.65 -17.10 3.15
N ALA B 528 -1.08 -16.34 2.24
CA ALA B 528 -1.01 -14.89 2.38
C ALA B 528 -1.82 -14.24 1.25
N ALA B 529 -3.01 -13.75 1.55
CA ALA B 529 -3.68 -12.88 0.59
C ALA B 529 -4.02 -11.51 1.15
N GLY B 530 -4.78 -11.46 2.25
CA GLY B 530 -5.23 -10.20 2.80
C GLY B 530 -4.38 -9.67 3.93
N GLN B 531 -3.17 -9.20 3.62
CA GLN B 531 -2.23 -8.78 4.65
C GLN B 531 -1.45 -7.57 4.17
N SER B 532 -0.59 -7.05 5.05
CA SER B 532 0.09 -5.78 4.87
C SER B 532 1.45 -5.99 4.21
N VAL B 533 2.30 -4.96 4.24
CA VAL B 533 3.64 -5.08 3.66
C VAL B 533 4.62 -5.69 4.65
N VAL B 534 4.41 -5.50 5.95
CA VAL B 534 5.25 -6.14 6.95
C VAL B 534 4.76 -7.57 7.18
N SER B 535 3.44 -7.78 7.15
CA SER B 535 2.89 -9.06 7.55
C SER B 535 3.11 -10.14 6.50
N VAL B 536 3.02 -9.77 5.22
CA VAL B 536 3.27 -10.73 4.13
C VAL B 536 4.72 -11.21 4.16
N ALA B 537 5.66 -10.29 4.31
CA ALA B 537 7.06 -10.69 4.30
C ALA B 537 7.49 -11.35 5.60
N THR B 538 6.90 -10.97 6.74
CA THR B 538 7.18 -11.68 7.98
C THR B 538 6.60 -13.08 7.95
N LEU B 539 5.43 -13.25 7.34
CA LEU B 539 4.84 -14.58 7.22
C LEU B 539 5.65 -15.45 6.27
N LEU B 540 6.04 -14.91 5.13
CA LEU B 540 6.77 -15.70 4.16
C LEU B 540 8.23 -15.85 4.49
N MET B 541 8.74 -15.13 5.49
CA MET B 541 10.06 -15.43 6.01
C MET B 541 9.99 -16.32 7.25
N THR B 542 8.88 -16.34 7.96
CA THR B 542 8.74 -17.34 9.00
C THR B 542 8.54 -18.72 8.41
N ILE B 543 7.78 -18.83 7.33
CA ILE B 543 7.62 -20.15 6.73
C ILE B 543 8.70 -20.39 5.69
N CYS B 544 9.70 -19.52 5.64
CA CYS B 544 10.99 -19.80 5.05
C CYS B 544 12.01 -20.21 6.09
N PHE B 545 11.87 -19.74 7.31
CA PHE B 545 12.70 -20.26 8.39
C PHE B 545 12.30 -21.68 8.73
N VAL B 546 11.06 -21.86 9.17
CA VAL B 546 10.63 -23.12 9.79
C VAL B 546 10.58 -24.25 8.77
N PHE B 547 9.95 -24.02 7.63
CA PHE B 547 9.73 -25.08 6.68
C PHE B 547 10.75 -25.09 5.55
N MET B 548 11.77 -24.33 5.64
CA MET B 548 12.81 -24.51 4.65
C MET B 548 14.19 -24.73 5.27
N MET B 549 14.53 -23.99 6.32
CA MET B 549 15.84 -24.22 6.87
C MET B 549 15.81 -25.23 8.00
N ILE B 550 14.83 -25.15 8.88
CA ILE B 550 14.79 -26.07 10.02
C ILE B 550 14.38 -27.45 9.58
N PHE B 551 13.20 -27.58 8.99
CA PHE B 551 12.61 -28.90 8.85
C PHE B 551 12.91 -29.58 7.53
N SER B 552 13.24 -28.84 6.50
CA SER B 552 13.77 -29.50 5.31
C SER B 552 15.18 -29.93 5.62
N GLY B 553 15.34 -31.12 6.16
CA GLY B 553 16.55 -31.47 6.86
C GLY B 553 17.78 -31.63 5.99
N LEU B 554 18.67 -30.65 6.07
CA LEU B 554 20.00 -30.76 5.52
C LEU B 554 21.07 -30.44 6.55
N LEU B 555 20.72 -29.65 7.57
CA LEU B 555 21.68 -29.20 8.55
C LEU B 555 21.20 -29.46 9.97
N VAL B 556 20.07 -30.16 10.11
CA VAL B 556 19.78 -30.99 11.26
C VAL B 556 19.22 -32.30 10.72
N ASN B 557 19.83 -33.42 11.12
CA ASN B 557 19.39 -34.71 10.62
C ASN B 557 18.03 -35.05 11.19
N LEU B 558 17.07 -35.32 10.31
CA LEU B 558 15.68 -35.38 10.70
C LEU B 558 15.34 -36.61 11.51
N THR B 559 16.11 -37.69 11.34
CA THR B 559 15.86 -38.89 12.15
C THR B 559 16.69 -38.90 13.43
N THR B 560 16.73 -37.76 14.10
CA THR B 560 17.10 -37.67 15.52
C THR B 560 16.07 -36.96 16.34
N ILE B 561 15.23 -36.11 15.72
CA ILE B 561 14.20 -35.37 16.43
C ILE B 561 13.13 -36.33 16.92
N ALA B 562 12.60 -36.05 18.11
CA ALA B 562 11.57 -36.90 18.68
C ALA B 562 10.29 -36.81 17.87
N SER B 563 9.51 -37.90 17.88
CA SER B 563 8.42 -38.05 16.93
C SER B 563 7.17 -37.31 17.36
N TRP B 564 7.33 -36.03 17.68
CA TRP B 564 6.24 -35.08 17.83
C TRP B 564 6.65 -33.74 17.25
N LEU B 565 7.87 -33.63 16.75
CA LEU B 565 8.34 -32.49 16.00
C LEU B 565 8.96 -32.92 14.69
N SER B 566 9.23 -34.21 14.51
CA SER B 566 9.67 -34.75 13.23
C SER B 566 8.55 -34.88 12.23
N TRP B 567 7.29 -34.78 12.66
CA TRP B 567 6.19 -34.88 11.72
C TRP B 567 6.04 -33.62 10.88
N LEU B 568 6.64 -32.52 11.32
CA LEU B 568 6.54 -31.26 10.59
C LEU B 568 7.40 -31.24 9.33
N GLN B 569 8.19 -32.28 9.09
CA GLN B 569 8.95 -32.37 7.86
C GLN B 569 8.09 -32.72 6.66
N TYR B 570 6.83 -33.10 6.88
CA TYR B 570 5.94 -33.47 5.78
C TYR B 570 5.20 -32.28 5.22
N PHE B 571 5.33 -31.13 5.84
CA PHE B 571 4.64 -29.93 5.40
C PHE B 571 5.58 -28.99 4.67
N SER B 572 6.84 -29.36 4.54
CA SER B 572 7.88 -28.48 4.03
C SER B 572 8.08 -28.73 2.55
N ILE B 573 8.05 -27.64 1.78
CA ILE B 573 8.24 -27.75 0.32
C ILE B 573 9.64 -28.23 -0.07
N PRO B 574 10.75 -27.62 0.39
CA PRO B 574 12.03 -28.00 -0.22
C PRO B 574 12.60 -29.31 0.25
N ARG B 575 12.02 -29.99 1.25
CA ARG B 575 12.49 -31.32 1.59
C ARG B 575 12.18 -32.30 0.48
N TYR B 576 11.03 -32.15 -0.16
CA TYR B 576 10.66 -33.01 -1.27
C TYR B 576 11.55 -32.76 -2.48
N GLY B 577 11.81 -31.50 -2.80
CA GLY B 577 12.70 -31.21 -3.92
C GLY B 577 14.12 -31.63 -3.65
N PHE B 578 14.58 -31.49 -2.41
CA PHE B 578 15.91 -31.92 -2.03
C PHE B 578 16.04 -33.43 -2.12
N THR B 579 15.02 -34.17 -1.70
CA THR B 579 15.05 -35.63 -1.82
C THR B 579 15.00 -36.06 -3.27
N ALA B 580 14.18 -35.38 -4.08
CA ALA B 580 14.07 -35.75 -5.49
C ALA B 580 15.31 -35.38 -6.28
N LEU B 581 16.10 -34.41 -5.81
CA LEU B 581 17.36 -34.14 -6.49
C LEU B 581 18.49 -35.00 -5.97
N GLN B 582 18.45 -35.41 -4.70
CA GLN B 582 19.42 -36.35 -4.19
C GLN B 582 19.25 -37.71 -4.84
N HIS B 583 18.01 -38.15 -5.05
CA HIS B 583 17.74 -39.42 -5.69
C HIS B 583 18.14 -39.42 -7.15
N ASN B 584 18.28 -38.26 -7.77
CA ASN B 584 18.74 -38.16 -9.14
C ASN B 584 20.23 -37.95 -9.24
N GLU B 585 20.85 -37.32 -8.24
CA GLU B 585 22.28 -37.10 -8.27
C GLU B 585 23.06 -38.33 -7.81
N PHE B 586 22.69 -38.92 -6.67
CA PHE B 586 23.53 -39.88 -5.97
C PHE B 586 23.16 -41.32 -6.27
N LEU B 587 22.78 -41.65 -7.50
CA LEU B 587 22.52 -43.03 -7.88
C LEU B 587 23.67 -43.55 -8.73
N GLY B 588 24.27 -44.65 -8.28
CA GLY B 588 25.29 -45.36 -9.04
C GLY B 588 26.72 -44.89 -8.88
N GLN B 589 26.93 -43.60 -8.70
CA GLN B 589 28.28 -43.07 -8.63
C GLN B 589 28.92 -43.39 -7.29
N ASN B 590 30.21 -43.68 -7.30
CA ASN B 590 30.92 -44.08 -6.10
C ASN B 590 31.70 -42.95 -5.45
N PHE B 591 32.08 -41.92 -6.22
CA PHE B 591 32.73 -40.69 -5.75
C PHE B 591 34.09 -40.95 -5.11
N CYS B 592 34.68 -42.12 -5.35
CA CYS B 592 35.95 -42.52 -4.74
C CYS B 592 36.67 -43.41 -5.73
N PRO B 593 37.51 -42.82 -6.59
CA PRO B 593 38.09 -43.59 -7.71
C PRO B 593 39.21 -44.53 -7.31
N GLY B 594 38.85 -45.72 -6.83
CA GLY B 594 39.86 -46.69 -6.42
C GLY B 594 40.34 -46.53 -5.00
N LEU B 595 39.58 -45.82 -4.16
CA LEU B 595 39.90 -45.65 -2.74
C LEU B 595 38.64 -46.03 -1.96
N ASN B 596 38.49 -47.33 -1.68
CA ASN B 596 37.26 -47.81 -1.03
C ASN B 596 37.33 -47.62 0.48
N ALA B 597 38.27 -48.32 1.13
CA ALA B 597 38.50 -48.31 2.58
C ALA B 597 37.25 -48.65 3.38
N THR B 598 36.35 -49.46 2.83
CA THR B 598 35.11 -49.81 3.51
C THR B 598 35.36 -50.98 4.45
N GLY B 599 35.11 -50.77 5.74
CA GLY B 599 35.32 -51.81 6.73
C GLY B 599 36.15 -51.33 7.91
N ASN B 600 36.34 -50.01 8.01
CA ASN B 600 37.13 -49.42 9.09
C ASN B 600 36.21 -49.19 10.29
N ASN B 601 35.99 -50.27 11.05
CA ASN B 601 35.01 -50.33 12.13
C ASN B 601 35.37 -49.56 13.41
N PRO B 602 36.61 -49.56 13.93
CA PRO B 602 36.90 -48.64 15.05
C PRO B 602 36.96 -47.18 14.65
N CYS B 603 37.09 -46.88 13.37
CA CYS B 603 37.13 -45.50 12.87
C CYS B 603 35.70 -45.01 12.66
N ASN B 604 35.56 -43.88 11.97
CA ASN B 604 34.24 -43.27 11.76
C ASN B 604 34.08 -42.83 10.31
N TYR B 605 32.96 -43.23 9.71
CA TYR B 605 32.49 -42.78 8.39
C TYR B 605 33.49 -43.12 7.29
N ALA B 606 33.67 -44.41 7.06
CA ALA B 606 34.43 -44.87 5.88
C ALA B 606 33.50 -45.24 4.74
N THR B 607 32.53 -44.37 4.42
CA THR B 607 31.52 -44.66 3.41
C THR B 607 31.40 -43.45 2.48
N CYS B 608 31.46 -43.73 1.17
CA CYS B 608 31.66 -42.71 0.16
C CYS B 608 30.64 -42.76 -0.97
N THR B 609 30.05 -43.92 -1.25
CA THR B 609 29.08 -44.08 -2.33
C THR B 609 27.74 -43.45 -1.97
N GLY B 610 26.98 -43.06 -3.00
CA GLY B 610 25.70 -42.43 -2.77
C GLY B 610 24.61 -43.38 -2.33
N GLU B 611 24.75 -44.66 -2.70
CA GLU B 611 23.76 -45.66 -2.31
C GLU B 611 23.79 -45.90 -0.79
N GLU B 612 24.98 -45.94 -0.20
CA GLU B 612 25.14 -45.82 1.25
C GLU B 612 25.30 -44.38 1.70
N TYR B 613 24.65 -43.45 1.01
CA TYR B 613 24.40 -42.12 1.54
C TYR B 613 22.92 -41.78 1.59
N LEU B 614 22.14 -42.35 0.68
CA LEU B 614 20.69 -42.19 0.73
C LEU B 614 20.09 -42.89 1.95
N VAL B 615 20.64 -44.06 2.31
CA VAL B 615 20.15 -44.74 3.50
C VAL B 615 20.59 -44.02 4.76
N LYS B 616 21.72 -43.31 4.72
CA LYS B 616 22.13 -42.54 5.87
C LYS B 616 21.30 -41.28 6.01
N GLN B 617 20.89 -40.69 4.88
CA GLN B 617 19.94 -39.59 4.90
C GLN B 617 18.53 -40.06 5.23
N GLY B 618 18.26 -41.36 5.12
CA GLY B 618 16.96 -41.88 5.45
C GLY B 618 15.96 -41.83 4.34
N ILE B 619 16.38 -41.94 3.09
CA ILE B 619 15.50 -41.82 1.94
C ILE B 619 15.60 -43.07 1.08
N ASP B 620 14.57 -43.27 0.27
CA ASP B 620 14.37 -44.50 -0.48
C ASP B 620 15.36 -44.62 -1.63
N LEU B 621 15.49 -45.85 -2.15
CA LEU B 621 16.33 -46.13 -3.30
C LEU B 621 15.56 -46.63 -4.50
N SER B 622 14.30 -47.04 -4.32
CA SER B 622 13.48 -47.50 -5.42
C SER B 622 13.10 -46.31 -6.30
N PRO B 623 12.70 -46.57 -7.55
CA PRO B 623 12.20 -45.46 -8.40
C PRO B 623 10.91 -44.83 -7.91
N TRP B 624 10.18 -45.48 -7.00
CA TRP B 624 9.08 -44.80 -6.32
C TRP B 624 9.60 -43.73 -5.38
N GLY B 625 10.81 -43.90 -4.85
CA GLY B 625 11.40 -42.89 -4.00
C GLY B 625 11.81 -41.62 -4.69
N LEU B 626 11.80 -41.60 -6.02
CA LEU B 626 12.02 -40.38 -6.78
C LEU B 626 10.73 -39.62 -7.01
N TRP B 627 9.62 -40.33 -7.22
CA TRP B 627 8.36 -39.71 -7.58
C TRP B 627 7.39 -39.56 -6.42
N LYS B 628 7.71 -40.12 -5.25
CA LYS B 628 6.92 -39.87 -4.07
C LYS B 628 6.94 -38.40 -3.69
N ASN B 629 8.11 -37.76 -3.89
CA ASN B 629 8.23 -36.34 -3.62
C ASN B 629 7.43 -35.52 -4.62
N HIS B 630 7.39 -35.95 -5.88
CA HIS B 630 6.62 -35.20 -6.87
C HIS B 630 5.12 -35.36 -6.64
N VAL B 631 4.67 -36.53 -6.20
CA VAL B 631 3.23 -36.66 -5.94
C VAL B 631 2.86 -35.94 -4.63
N ALA B 632 3.80 -35.80 -3.71
CA ALA B 632 3.52 -35.02 -2.50
C ALA B 632 3.46 -33.53 -2.81
N LEU B 633 4.36 -33.06 -3.66
CA LEU B 633 4.31 -31.68 -4.10
C LEU B 633 3.07 -31.39 -4.94
N ALA B 634 2.61 -32.37 -5.73
CA ALA B 634 1.40 -32.19 -6.50
C ALA B 634 0.18 -32.12 -5.60
N CYS B 635 0.17 -32.91 -4.52
CA CYS B 635 -0.91 -32.79 -3.54
C CYS B 635 -0.89 -31.44 -2.86
N MET B 636 0.30 -30.90 -2.60
CA MET B 636 0.37 -29.57 -2.00
C MET B 636 -0.09 -28.48 -2.96
N ILE B 637 0.22 -28.64 -4.26
CA ILE B 637 -0.24 -27.68 -5.25
C ILE B 637 -1.76 -27.70 -5.34
N VAL B 638 -2.36 -28.89 -5.34
CA VAL B 638 -3.81 -29.00 -5.47
C VAL B 638 -4.50 -28.45 -4.22
N ILE B 639 -3.95 -28.69 -3.04
CA ILE B 639 -4.57 -28.20 -1.81
C ILE B 639 -4.44 -26.68 -1.69
N PHE B 640 -3.26 -26.13 -2.01
CA PHE B 640 -3.09 -24.68 -1.89
C PHE B 640 -3.86 -23.94 -2.98
N LEU B 641 -3.95 -24.51 -4.17
CA LEU B 641 -4.76 -23.87 -5.21
C LEU B 641 -6.24 -24.00 -4.92
N THR B 642 -6.65 -25.05 -4.21
CA THR B 642 -8.04 -25.14 -3.81
C THR B 642 -8.36 -24.12 -2.71
N ILE B 643 -7.42 -23.85 -1.81
CA ILE B 643 -7.63 -22.79 -0.83
C ILE B 643 -7.67 -21.43 -1.51
N ALA B 644 -6.81 -21.22 -2.52
CA ALA B 644 -6.81 -19.96 -3.25
C ALA B 644 -8.05 -19.81 -4.13
N TYR B 645 -8.67 -20.93 -4.52
CA TYR B 645 -9.91 -20.86 -5.28
C TYR B 645 -11.10 -20.62 -4.38
N LEU B 646 -11.12 -21.25 -3.21
CA LEU B 646 -12.21 -21.03 -2.27
C LEU B 646 -12.18 -19.64 -1.68
N LYS B 647 -11.00 -19.03 -1.54
CA LYS B 647 -10.96 -17.64 -1.08
C LYS B 647 -11.45 -16.67 -2.13
N LEU B 648 -11.51 -17.10 -3.38
CA LEU B 648 -12.11 -16.32 -4.45
C LEU B 648 -13.59 -16.58 -4.58
N LEU B 649 -14.01 -17.81 -4.29
CA LEU B 649 -15.43 -18.15 -4.37
C LEU B 649 -16.20 -17.57 -3.19
N PHE B 650 -15.66 -17.66 -1.99
CA PHE B 650 -16.32 -17.13 -0.80
C PHE B 650 -15.88 -15.70 -0.52
N LEU B 651 -15.97 -14.85 -1.52
CA LEU B 651 -15.67 -13.44 -1.40
C LEU B 651 -16.98 -12.68 -1.48
N LYS B 652 -17.13 -11.68 -0.62
CA LYS B 652 -18.37 -10.91 -0.59
C LYS B 652 -18.38 -10.03 -1.83
N LYS B 653 -19.12 -10.46 -2.85
CA LYS B 653 -19.14 -9.80 -4.13
C LYS B 653 -20.26 -8.80 -4.25
N TYR B 654 -20.72 -8.25 -3.13
CA TYR B 654 -21.84 -7.31 -3.13
C TYR B 654 -21.48 -6.04 -2.39
#